data_1AMD
# 
_entry.id   1AMD 
# 
_audit_conform.dict_name       mmcif_pdbx.dic 
_audit_conform.dict_version    5.392 
_audit_conform.dict_location   http://mmcif.pdb.org/dictionaries/ascii/mmcif_pdbx.dic 
# 
loop_
_database_2.database_id 
_database_2.database_code 
_database_2.pdbx_database_accession 
_database_2.pdbx_DOI 
PDB   1AMD         pdb_00001amd 10.2210/pdb1amd/pdb 
WWPDB D_1000170995 ?            ?                   
# 
loop_
_pdbx_audit_revision_history.ordinal 
_pdbx_audit_revision_history.data_content_type 
_pdbx_audit_revision_history.major_revision 
_pdbx_audit_revision_history.minor_revision 
_pdbx_audit_revision_history.revision_date 
1 'Structure model' 1 0 1997-09-17 
2 'Structure model' 1 1 2008-03-24 
3 'Structure model' 1 2 2011-07-13 
4 'Structure model' 1 3 2022-02-16 
5 'Structure model' 1 4 2024-05-22 
# 
_pdbx_audit_revision_details.ordinal             1 
_pdbx_audit_revision_details.revision_ordinal    1 
_pdbx_audit_revision_details.data_content_type   'Structure model' 
_pdbx_audit_revision_details.provider            repository 
_pdbx_audit_revision_details.type                'Initial release' 
_pdbx_audit_revision_details.description         ? 
_pdbx_audit_revision_details.details             ? 
# 
loop_
_pdbx_audit_revision_group.ordinal 
_pdbx_audit_revision_group.revision_ordinal 
_pdbx_audit_revision_group.data_content_type 
_pdbx_audit_revision_group.group 
1 2 'Structure model' 'Version format compliance' 
2 3 'Structure model' 'Version format compliance' 
3 4 'Structure model' 'Database references'       
4 4 'Structure model' 'Derived calculations'      
5 4 'Structure model' Other                       
6 5 'Structure model' 'Data collection'           
# 
loop_
_pdbx_audit_revision_category.ordinal 
_pdbx_audit_revision_category.revision_ordinal 
_pdbx_audit_revision_category.data_content_type 
_pdbx_audit_revision_category.category 
1 4 'Structure model' database_2            
2 4 'Structure model' pdbx_database_status  
3 4 'Structure model' pdbx_struct_assembly  
4 4 'Structure model' pdbx_struct_oper_list 
5 4 'Structure model' struct_site           
6 5 'Structure model' chem_comp_atom        
7 5 'Structure model' chem_comp_bond        
# 
loop_
_pdbx_audit_revision_item.ordinal 
_pdbx_audit_revision_item.revision_ordinal 
_pdbx_audit_revision_item.data_content_type 
_pdbx_audit_revision_item.item 
1 4 'Structure model' '_database_2.pdbx_DOI'                
2 4 'Structure model' '_database_2.pdbx_database_accession' 
3 4 'Structure model' '_pdbx_database_status.process_site'  
4 4 'Structure model' '_struct_site.pdbx_auth_asym_id'      
5 4 'Structure model' '_struct_site.pdbx_auth_comp_id'      
6 4 'Structure model' '_struct_site.pdbx_auth_seq_id'       
# 
_pdbx_database_status.status_code                     REL 
_pdbx_database_status.entry_id                        1AMD 
_pdbx_database_status.recvd_initial_deposition_date   1997-06-12 
_pdbx_database_status.deposit_site                    ? 
_pdbx_database_status.process_site                    BNL 
_pdbx_database_status.status_code_sf                  ? 
_pdbx_database_status.status_code_mr                  REL 
_pdbx_database_status.SG_entry                        ? 
_pdbx_database_status.pdb_format_compatible           Y 
_pdbx_database_status.status_code_cs                  ? 
_pdbx_database_status.status_code_nmr_data            ? 
_pdbx_database_status.methods_development_category    ? 
# 
_pdbx_database_related.db_name        PDB 
_pdbx_database_related.db_id          1AL9 
_pdbx_database_related.details        'MINIMIZED AVERAGE STRUCTURE' 
_pdbx_database_related.content_type   unspecified 
# 
loop_
_audit_author.name 
_audit_author.pdbx_ordinal 
'Robinson, H.'  1 
'Wang, A.H.-J.' 2 
# 
_citation.id                        primary 
_citation.title                     'Binding of two novel bisdaunorubicins to DNA studied by NMR spectroscopy.' 
_citation.journal_abbrev            Biochemistry 
_citation.journal_volume            36 
_citation.page_first                8663 
_citation.page_last                 8670 
_citation.year                      1997 
_citation.journal_id_ASTM           BICHAW 
_citation.country                   US 
_citation.journal_id_ISSN           0006-2960 
_citation.journal_id_CSD            0033 
_citation.book_publisher            ? 
_citation.pdbx_database_id_PubMed   9289011 
_citation.pdbx_database_id_DOI      10.1021/bi970842j 
# 
loop_
_citation_author.citation_id 
_citation_author.name 
_citation_author.ordinal 
_citation_author.identifier_ORCID 
primary 'Robinson, H.'  1 ? 
primary 'Priebe, W.'    2 ? 
primary 'Chaires, J.B.' 3 ? 
primary 'Wang, A.H.'    4 ? 
# 
loop_
_entity.id 
_entity.type 
_entity.src_method 
_entity.pdbx_description 
_entity.formula_weight 
_entity.pdbx_number_of_molecules 
_entity.pdbx_ec 
_entity.pdbx_mutation 
_entity.pdbx_fragment 
_entity.details 
1 polymer     syn 
;DNA (5'-D(*TP*GP*TP*AP*CP*A)-3')
;
1808.229 2 ? ? ? 'WP652 IS AN INTERCALATOR' 
2 non-polymer syn BIS-DAUNORUBICIN                   1159.189 1 ? ? ? ?                          
# 
_entity_poly.entity_id                      1 
_entity_poly.type                           polydeoxyribonucleotide 
_entity_poly.nstd_linkage                   no 
_entity_poly.nstd_monomer                   no 
_entity_poly.pdbx_seq_one_letter_code       '(DT)(DG)(DT)(DA)(DC)(DA)' 
_entity_poly.pdbx_seq_one_letter_code_can   TGTACA 
_entity_poly.pdbx_strand_id                 A,B 
_entity_poly.pdbx_target_identifier         ? 
# 
_pdbx_entity_nonpoly.entity_id   2 
_pdbx_entity_nonpoly.name        BIS-DAUNORUBICIN 
_pdbx_entity_nonpoly.comp_id     BNR 
# 
loop_
_entity_poly_seq.entity_id 
_entity_poly_seq.num 
_entity_poly_seq.mon_id 
_entity_poly_seq.hetero 
1 1 DT n 
1 2 DG n 
1 3 DT n 
1 4 DA n 
1 5 DC n 
1 6 DA n 
# 
loop_
_chem_comp.id 
_chem_comp.type 
_chem_comp.mon_nstd_flag 
_chem_comp.name 
_chem_comp.pdbx_synonyms 
_chem_comp.formula 
_chem_comp.formula_weight 
BNR non-polymer   . BIS-DAUNORUBICIN                     WP652 'C62 H66 N2 O20 2' 1159.189 
DA  'DNA linking' y "2'-DEOXYADENOSINE-5'-MONOPHOSPHATE" ?     'C10 H14 N5 O6 P'  331.222  
DC  'DNA linking' y "2'-DEOXYCYTIDINE-5'-MONOPHOSPHATE"  ?     'C9 H14 N3 O7 P'   307.197  
DG  'DNA linking' y "2'-DEOXYGUANOSINE-5'-MONOPHOSPHATE" ?     'C10 H14 N5 O7 P'  347.221  
DT  'DNA linking' y "THYMIDINE-5'-MONOPHOSPHATE"         ?     'C10 H15 N2 O8 P'  322.208  
# 
loop_
_pdbx_poly_seq_scheme.asym_id 
_pdbx_poly_seq_scheme.entity_id 
_pdbx_poly_seq_scheme.seq_id 
_pdbx_poly_seq_scheme.mon_id 
_pdbx_poly_seq_scheme.ndb_seq_num 
_pdbx_poly_seq_scheme.pdb_seq_num 
_pdbx_poly_seq_scheme.auth_seq_num 
_pdbx_poly_seq_scheme.pdb_mon_id 
_pdbx_poly_seq_scheme.auth_mon_id 
_pdbx_poly_seq_scheme.pdb_strand_id 
_pdbx_poly_seq_scheme.pdb_ins_code 
_pdbx_poly_seq_scheme.hetero 
A 1 1 DT 1 1  1  DT T A . n 
A 1 2 DG 2 2  2  DG G A . n 
A 1 3 DT 3 3  3  DT T A . n 
A 1 4 DA 4 4  4  DA A A . n 
A 1 5 DC 5 5  5  DC C A . n 
A 1 6 DA 6 6  6  DA A A . n 
B 1 1 DT 1 7  7  DT T B . n 
B 1 2 DG 2 8  8  DG G B . n 
B 1 3 DT 3 9  9  DT T B . n 
B 1 4 DA 4 10 10 DA A B . n 
B 1 5 DC 5 11 11 DC C B . n 
B 1 6 DA 6 12 12 DA A B . n 
# 
_pdbx_nonpoly_scheme.asym_id         C 
_pdbx_nonpoly_scheme.entity_id       2 
_pdbx_nonpoly_scheme.mon_id          BNR 
_pdbx_nonpoly_scheme.ndb_seq_num     1 
_pdbx_nonpoly_scheme.pdb_seq_num     13 
_pdbx_nonpoly_scheme.auth_seq_num    13 
_pdbx_nonpoly_scheme.pdb_mon_id      BNR 
_pdbx_nonpoly_scheme.auth_mon_id     DM6 
_pdbx_nonpoly_scheme.pdb_strand_id   B 
_pdbx_nonpoly_scheme.pdb_ins_code    . 
# 
loop_
_software.name 
_software.classification 
_software.version 
_software.citation_id 
_software.pdbx_ordinal 
X-PLOR 'model building' . ? 1 
X-PLOR refinement       . ? 2 
X-PLOR phasing          . ? 3 
# 
_cell.entry_id           1AMD 
_cell.length_a           1.000 
_cell.length_b           1.000 
_cell.length_c           1.000 
_cell.angle_alpha        90.00 
_cell.angle_beta         90.00 
_cell.angle_gamma        90.00 
_cell.Z_PDB              1 
_cell.pdbx_unique_axis   ? 
# 
_symmetry.entry_id                         1AMD 
_symmetry.space_group_name_H-M             'P 1' 
_symmetry.pdbx_full_space_group_name_H-M   ? 
_symmetry.cell_setting                     ? 
_symmetry.Int_Tables_number                1 
# 
_exptl.entry_id          1AMD 
_exptl.method            'SOLUTION NMR' 
_exptl.crystals_number   ? 
# 
_struct.entry_id                  1AMD 
_struct.title                     
;NMR STUDY OF DNA (5'-D(*TP*GP*TP*AP*CP*A)-3') SELF-COMPLEMENTARY DUPLEX COMPLEXED WITH A BIS-DAUNORUBICIN WP-652, MINIMIZED AVERAGE STRUCTURE
;
_struct.pdbx_model_details        ? 
_struct.pdbx_CASP_flag            ? 
_struct.pdbx_model_type_details   ? 
# 
_struct_keywords.entry_id        1AMD 
_struct_keywords.pdbx_keywords   DNA 
_struct_keywords.text            'COMPLEX (DEOXYRIBONUCLEIC ACID-DRUG), BIS-INTERCALATOR, DAUNORUBICIN, DNA, DEOXYRIBONUCLEIC ACID' 
# 
loop_
_struct_asym.id 
_struct_asym.pdbx_blank_PDB_chainid_flag 
_struct_asym.pdbx_modified 
_struct_asym.entity_id 
_struct_asym.details 
A N N 1 ? 
B N N 1 ? 
C N N 2 ? 
# 
_struct_ref.id                         1 
_struct_ref.entity_id                  1 
_struct_ref.db_name                    PDB 
_struct_ref.db_code                    1AMD 
_struct_ref.pdbx_db_accession          1AMD 
_struct_ref.pdbx_db_isoform            ? 
_struct_ref.pdbx_seq_one_letter_code   ? 
_struct_ref.pdbx_align_begin           ? 
# 
loop_
_struct_ref_seq.align_id 
_struct_ref_seq.ref_id 
_struct_ref_seq.pdbx_PDB_id_code 
_struct_ref_seq.pdbx_strand_id 
_struct_ref_seq.seq_align_beg 
_struct_ref_seq.pdbx_seq_align_beg_ins_code 
_struct_ref_seq.seq_align_end 
_struct_ref_seq.pdbx_seq_align_end_ins_code 
_struct_ref_seq.pdbx_db_accession 
_struct_ref_seq.db_align_beg 
_struct_ref_seq.pdbx_db_align_beg_ins_code 
_struct_ref_seq.db_align_end 
_struct_ref_seq.pdbx_db_align_end_ins_code 
_struct_ref_seq.pdbx_auth_seq_align_beg 
_struct_ref_seq.pdbx_auth_seq_align_end 
1 1 1AMD A 1 ? 6 ? 1AMD 1 ? 6  ? 1 6  
2 1 1AMD B 1 ? 6 ? 1AMD 7 ? 12 ? 7 12 
# 
_pdbx_struct_assembly.id                   1 
_pdbx_struct_assembly.details              author_defined_assembly 
_pdbx_struct_assembly.method_details       ? 
_pdbx_struct_assembly.oligomeric_details   dimeric 
_pdbx_struct_assembly.oligomeric_count     2 
# 
_pdbx_struct_assembly_gen.assembly_id       1 
_pdbx_struct_assembly_gen.oper_expression   1 
_pdbx_struct_assembly_gen.asym_id_list      A,B,C 
# 
_pdbx_struct_oper_list.id                   1 
_pdbx_struct_oper_list.type                 'identity operation' 
_pdbx_struct_oper_list.name                 1_555 
_pdbx_struct_oper_list.symmetry_operation   x,y,z 
_pdbx_struct_oper_list.matrix[1][1]         1.0000000000 
_pdbx_struct_oper_list.matrix[1][2]         0.0000000000 
_pdbx_struct_oper_list.matrix[1][3]         0.0000000000 
_pdbx_struct_oper_list.vector[1]            0.0000000000 
_pdbx_struct_oper_list.matrix[2][1]         0.0000000000 
_pdbx_struct_oper_list.matrix[2][2]         1.0000000000 
_pdbx_struct_oper_list.matrix[2][3]         0.0000000000 
_pdbx_struct_oper_list.vector[2]            0.0000000000 
_pdbx_struct_oper_list.matrix[3][1]         0.0000000000 
_pdbx_struct_oper_list.matrix[3][2]         0.0000000000 
_pdbx_struct_oper_list.matrix[3][3]         1.0000000000 
_pdbx_struct_oper_list.vector[3]            0.0000000000 
# 
_struct_biol.id   1 
# 
loop_
_struct_conn.id 
_struct_conn.conn_type_id 
_struct_conn.pdbx_leaving_atom_flag 
_struct_conn.pdbx_PDB_id 
_struct_conn.ptnr1_label_asym_id 
_struct_conn.ptnr1_label_comp_id 
_struct_conn.ptnr1_label_seq_id 
_struct_conn.ptnr1_label_atom_id 
_struct_conn.pdbx_ptnr1_label_alt_id 
_struct_conn.pdbx_ptnr1_PDB_ins_code 
_struct_conn.pdbx_ptnr1_standard_comp_id 
_struct_conn.ptnr1_symmetry 
_struct_conn.ptnr2_label_asym_id 
_struct_conn.ptnr2_label_comp_id 
_struct_conn.ptnr2_label_seq_id 
_struct_conn.ptnr2_label_atom_id 
_struct_conn.pdbx_ptnr2_label_alt_id 
_struct_conn.pdbx_ptnr2_PDB_ins_code 
_struct_conn.ptnr1_auth_asym_id 
_struct_conn.ptnr1_auth_comp_id 
_struct_conn.ptnr1_auth_seq_id 
_struct_conn.ptnr2_auth_asym_id 
_struct_conn.ptnr2_auth_comp_id 
_struct_conn.ptnr2_auth_seq_id 
_struct_conn.ptnr2_symmetry 
_struct_conn.pdbx_ptnr3_label_atom_id 
_struct_conn.pdbx_ptnr3_label_seq_id 
_struct_conn.pdbx_ptnr3_label_comp_id 
_struct_conn.pdbx_ptnr3_label_asym_id 
_struct_conn.pdbx_ptnr3_label_alt_id 
_struct_conn.pdbx_ptnr3_PDB_ins_code 
_struct_conn.details 
_struct_conn.pdbx_dist_value 
_struct_conn.pdbx_value_order 
_struct_conn.pdbx_role 
hydrog1  hydrog ? ? A DT 1 N3 ? ? ? 1_555 B DA 6 N1 ? ? A DT 1 B DA 12 1_555 ? ? ? ? ? ? WATSON-CRICK ? ? ? 
hydrog2  hydrog ? ? A DT 1 O4 ? ? ? 1_555 B DA 6 N6 ? ? A DT 1 B DA 12 1_555 ? ? ? ? ? ? WATSON-CRICK ? ? ? 
hydrog3  hydrog ? ? A DG 2 N1 ? ? ? 1_555 B DC 5 N3 ? ? A DG 2 B DC 11 1_555 ? ? ? ? ? ? WATSON-CRICK ? ? ? 
hydrog4  hydrog ? ? A DG 2 N2 ? ? ? 1_555 B DC 5 O2 ? ? A DG 2 B DC 11 1_555 ? ? ? ? ? ? WATSON-CRICK ? ? ? 
hydrog5  hydrog ? ? A DG 2 O6 ? ? ? 1_555 B DC 5 N4 ? ? A DG 2 B DC 11 1_555 ? ? ? ? ? ? WATSON-CRICK ? ? ? 
hydrog6  hydrog ? ? A DT 3 N3 ? ? ? 1_555 B DA 4 N1 ? ? A DT 3 B DA 10 1_555 ? ? ? ? ? ? WATSON-CRICK ? ? ? 
hydrog7  hydrog ? ? A DT 3 O4 ? ? ? 1_555 B DA 4 N6 ? ? A DT 3 B DA 10 1_555 ? ? ? ? ? ? WATSON-CRICK ? ? ? 
hydrog8  hydrog ? ? A DA 4 N1 ? ? ? 1_555 B DT 3 N3 ? ? A DA 4 B DT 9  1_555 ? ? ? ? ? ? WATSON-CRICK ? ? ? 
hydrog9  hydrog ? ? A DA 4 N6 ? ? ? 1_555 B DT 3 O4 ? ? A DA 4 B DT 9  1_555 ? ? ? ? ? ? WATSON-CRICK ? ? ? 
hydrog10 hydrog ? ? A DC 5 N3 ? ? ? 1_555 B DG 2 N1 ? ? A DC 5 B DG 8  1_555 ? ? ? ? ? ? WATSON-CRICK ? ? ? 
hydrog11 hydrog ? ? A DC 5 N4 ? ? ? 1_555 B DG 2 O6 ? ? A DC 5 B DG 8  1_555 ? ? ? ? ? ? WATSON-CRICK ? ? ? 
hydrog12 hydrog ? ? A DC 5 O2 ? ? ? 1_555 B DG 2 N2 ? ? A DC 5 B DG 8  1_555 ? ? ? ? ? ? WATSON-CRICK ? ? ? 
hydrog13 hydrog ? ? A DA 6 N1 ? ? ? 1_555 B DT 1 N3 ? ? A DA 6 B DT 7  1_555 ? ? ? ? ? ? WATSON-CRICK ? ? ? 
hydrog14 hydrog ? ? A DA 6 N6 ? ? ? 1_555 B DT 1 O4 ? ? A DA 6 B DT 7  1_555 ? ? ? ? ? ? WATSON-CRICK ? ? ? 
# 
_struct_conn_type.id          hydrog 
_struct_conn_type.criteria    ? 
_struct_conn_type.reference   ? 
# 
_struct_site.id                   AC1 
_struct_site.pdbx_evidence_code   Software 
_struct_site.pdbx_auth_asym_id    B 
_struct_site.pdbx_auth_comp_id    BNR 
_struct_site.pdbx_auth_seq_id     13 
_struct_site.pdbx_auth_ins_code   ? 
_struct_site.pdbx_num_residues    8 
_struct_site.details              'BINDING SITE FOR RESIDUE BNR B 13' 
# 
loop_
_struct_site_gen.id 
_struct_site_gen.site_id 
_struct_site_gen.pdbx_num_res 
_struct_site_gen.label_comp_id 
_struct_site_gen.label_asym_id 
_struct_site_gen.label_seq_id 
_struct_site_gen.pdbx_auth_ins_code 
_struct_site_gen.auth_comp_id 
_struct_site_gen.auth_asym_id 
_struct_site_gen.auth_seq_id 
_struct_site_gen.label_atom_id 
_struct_site_gen.label_alt_id 
_struct_site_gen.symmetry 
_struct_site_gen.details 
1 AC1 8 DT A 1 ? DT A 1  . ? 1_555 ? 
2 AC1 8 DG A 2 ? DG A 2  . ? 1_555 ? 
3 AC1 8 DT A 3 ? DT A 3  . ? 1_555 ? 
4 AC1 8 DA A 4 ? DA A 4  . ? 1_555 ? 
5 AC1 8 DT B 3 ? DT B 9  . ? 1_555 ? 
6 AC1 8 DA B 4 ? DA B 10 . ? 1_555 ? 
7 AC1 8 DC B 5 ? DC B 11 . ? 1_555 ? 
8 AC1 8 DA B 6 ? DA B 12 . ? 1_555 ? 
# 
loop_
_pdbx_validate_rmsd_bond.id 
_pdbx_validate_rmsd_bond.PDB_model_num 
_pdbx_validate_rmsd_bond.auth_atom_id_1 
_pdbx_validate_rmsd_bond.auth_asym_id_1 
_pdbx_validate_rmsd_bond.auth_comp_id_1 
_pdbx_validate_rmsd_bond.auth_seq_id_1 
_pdbx_validate_rmsd_bond.PDB_ins_code_1 
_pdbx_validate_rmsd_bond.label_alt_id_1 
_pdbx_validate_rmsd_bond.auth_atom_id_2 
_pdbx_validate_rmsd_bond.auth_asym_id_2 
_pdbx_validate_rmsd_bond.auth_comp_id_2 
_pdbx_validate_rmsd_bond.auth_seq_id_2 
_pdbx_validate_rmsd_bond.PDB_ins_code_2 
_pdbx_validate_rmsd_bond.label_alt_id_2 
_pdbx_validate_rmsd_bond.bond_value 
_pdbx_validate_rmsd_bond.bond_target_value 
_pdbx_validate_rmsd_bond.bond_deviation 
_pdbx_validate_rmsd_bond.bond_standard_deviation 
_pdbx_validate_rmsd_bond.linker_flag 
1 1 C5    A DC 5 ? ? C6    A DC 5 ? ? 1.391 1.339 0.052 0.008 N 
2 1 "C5'" B DT 7 ? ? "C4'" B DT 7 ? ? 1.627 1.512 0.115 0.007 N 
3 1 C5    B DT 7 ? ? C7    B DT 7 ? ? 1.547 1.496 0.051 0.006 N 
# 
loop_
_pdbx_validate_rmsd_angle.id 
_pdbx_validate_rmsd_angle.PDB_model_num 
_pdbx_validate_rmsd_angle.auth_atom_id_1 
_pdbx_validate_rmsd_angle.auth_asym_id_1 
_pdbx_validate_rmsd_angle.auth_comp_id_1 
_pdbx_validate_rmsd_angle.auth_seq_id_1 
_pdbx_validate_rmsd_angle.PDB_ins_code_1 
_pdbx_validate_rmsd_angle.label_alt_id_1 
_pdbx_validate_rmsd_angle.auth_atom_id_2 
_pdbx_validate_rmsd_angle.auth_asym_id_2 
_pdbx_validate_rmsd_angle.auth_comp_id_2 
_pdbx_validate_rmsd_angle.auth_seq_id_2 
_pdbx_validate_rmsd_angle.PDB_ins_code_2 
_pdbx_validate_rmsd_angle.label_alt_id_2 
_pdbx_validate_rmsd_angle.auth_atom_id_3 
_pdbx_validate_rmsd_angle.auth_asym_id_3 
_pdbx_validate_rmsd_angle.auth_comp_id_3 
_pdbx_validate_rmsd_angle.auth_seq_id_3 
_pdbx_validate_rmsd_angle.PDB_ins_code_3 
_pdbx_validate_rmsd_angle.label_alt_id_3 
_pdbx_validate_rmsd_angle.angle_value 
_pdbx_validate_rmsd_angle.angle_target_value 
_pdbx_validate_rmsd_angle.angle_deviation 
_pdbx_validate_rmsd_angle.angle_standard_deviation 
_pdbx_validate_rmsd_angle.linker_flag 
1  1 C6    A DT 1  ? ? C5    A DT 1  ? ? C7    A DT 1  ? ? 118.72 122.90 -4.18  0.60 N 
2  1 P     A DG 2  ? ? "O5'" A DG 2  ? ? "C5'" A DG 2  ? ? 130.62 120.90 9.72   1.60 N 
3  1 "O4'" A DG 2  ? ? "C4'" A DG 2  ? ? "C3'" A DG 2  ? ? 109.95 106.00 3.95   0.60 N 
4  1 "O4'" A DG 2  ? ? "C1'" A DG 2  ? ? N9    A DG 2  ? ? 96.55  108.00 -11.45 0.70 N 
5  1 "O4'" A DT 3  ? ? "C1'" A DT 3  ? ? N1    A DT 3  ? ? 110.78 108.30 2.48   0.30 N 
6  1 "C3'" A DT 3  ? ? "O3'" A DT 3  ? ? P     A DA 4  ? ? 127.75 119.70 8.05   1.20 Y 
7  1 "O4'" A DC 5  ? ? "C1'" A DC 5  ? ? "C2'" A DC 5  ? ? 99.86  105.90 -6.04  0.80 N 
8  1 "O4'" A DC 5  ? ? "C1'" A DC 5  ? ? N1    A DC 5  ? ? 112.72 108.30 4.42   0.30 N 
9  1 "O4'" B DT 7  ? ? "C1'" B DT 7  ? ? N1    B DT 7  ? ? 111.47 108.30 3.17   0.30 N 
10 1 C6    B DT 7  ? ? C5    B DT 7  ? ? C7    B DT 7  ? ? 118.87 122.90 -4.03  0.60 N 
11 1 N1    B DA 10 ? ? C6    B DA 10 ? ? N6    B DA 10 ? ? 122.20 118.60 3.60   0.60 N 
12 1 "O4'" B DC 11 ? ? "C1'" B DC 11 ? ? "C2'" B DC 11 ? ? 100.93 105.90 -4.97  0.80 N 
13 1 "O4'" B DC 11 ? ? "C1'" B DC 11 ? ? N1    B DC 11 ? ? 114.39 108.30 6.09   0.30 N 
14 1 "C4'" B DA 12 ? ? "C3'" B DA 12 ? ? "C2'" B DA 12 ? ? 96.09  102.20 -6.11  0.70 N 
15 1 "O4'" B DA 12 ? ? "C1'" B DA 12 ? ? N9    B DA 12 ? ? 114.01 108.30 5.71   0.30 N 
# 
loop_
_pdbx_validate_planes.id 
_pdbx_validate_planes.PDB_model_num 
_pdbx_validate_planes.auth_comp_id 
_pdbx_validate_planes.auth_asym_id 
_pdbx_validate_planes.auth_seq_id 
_pdbx_validate_planes.PDB_ins_code 
_pdbx_validate_planes.label_alt_id 
_pdbx_validate_planes.rmsd 
_pdbx_validate_planes.type 
1 1 DT A 1 ? ? 0.081 'SIDE CHAIN' 
2 1 DT B 7 ? ? 0.086 'SIDE CHAIN' 
# 
_pdbx_nmr_ensemble.entry_id                             1AMD 
_pdbx_nmr_ensemble.conformers_calculated_total_number   1 
_pdbx_nmr_ensemble.conformers_submitted_total_number    1 
_pdbx_nmr_ensemble.conformer_selection_criteria         'MINIMIZED AVERAGE' 
# 
_pdbx_nmr_exptl_sample_conditions.conditions_id       1 
_pdbx_nmr_exptl_sample_conditions.temperature         288 
_pdbx_nmr_exptl_sample_conditions.pressure            ? 
_pdbx_nmr_exptl_sample_conditions.pH                  7.0 
_pdbx_nmr_exptl_sample_conditions.ionic_strength      ? 
_pdbx_nmr_exptl_sample_conditions.pressure_units      . 
_pdbx_nmr_exptl_sample_conditions.temperature_units   K 
# 
loop_
_pdbx_nmr_exptl.experiment_id 
_pdbx_nmr_exptl.conditions_id 
_pdbx_nmr_exptl.type 
_pdbx_nmr_exptl.solution_id 
1 1 NOESY 1 
2 1 TOCSY 1 
# 
_pdbx_nmr_details.entry_id   1AMD 
_pdbx_nmr_details.text       'IONIC_STRENGTH: 20 MM PRESSURE: NULL SOLVENT SYSTEM: H2O' 
# 
_pdbx_nmr_refine.entry_id           1AMD 
_pdbx_nmr_refine.method             NOE-RMD 
_pdbx_nmr_refine.details            'REFINEMENT DETAILS CAN BE FOUND IN THE JRNL CITATION ABOVE.' 
_pdbx_nmr_refine.software_ordinal   1 
# 
loop_
_pdbx_nmr_software.classification 
_pdbx_nmr_software.name 
_pdbx_nmr_software.version 
_pdbx_nmr_software.authors 
_pdbx_nmr_software.ordinal 
refinement           X-PLOR  ? BRUNGER 1 
'structure solution' X-PLOR  ? ?       2 
'structure solution' SPEDREF ? ?       3 
# 
loop_
_chem_comp_atom.comp_id 
_chem_comp_atom.atom_id 
_chem_comp_atom.type_symbol 
_chem_comp_atom.pdbx_aromatic_flag 
_chem_comp_atom.pdbx_stereo_config 
_chem_comp_atom.pdbx_ordinal 
BNR C1     C Y N 1   
BNR C2     C Y N 2   
BNR C3     C Y N 3   
BNR C4     C Y N 4   
BNR O4     O N N 5   
BNR C5     C Y N 6   
BNR C6     C N N 7   
BNR O6     O N N 8   
BNR C7     C Y N 9   
BNR C8     C Y N 10  
BNR O8     O N N 11  
BNR C9     C Y N 12  
BNR C10    C N S 13  
BNR O10    O N N 14  
BNR C11    C N N 15  
BNR C12    C N S 16  
BNR O12    O N N 17  
BNR C13    C N N 18  
BNR O13    O N N 19  
BNR C14    C N N 20  
BNR C15    C N N 21  
BNR C16    C Y N 22  
BNR C17    C Y N 23  
BNR O17    O N N 24  
BNR C18    C Y N 25  
BNR C19    C N N 26  
BNR O19    O N N 27  
BNR C20    C Y N 28  
BNR C21    C N N 29  
BNR "C1'"  C N R 30  
BNR "C2'"  C N N 31  
BNR "C3'"  C N S 32  
BNR "O3'"  O N N 33  
BNR "C4'"  C N S 34  
BNR "N4'"  N N N 35  
BNR "C5'"  C N S 36  
BNR "O5'"  O N N 37  
BNR "C6'"  C N N 38  
BNR "C7'"  C N N 39  
BNR "C8'"  C Y N 40  
BNR C1B    C Y N 41  
BNR C2B    C Y N 42  
BNR C3B    C Y N 43  
BNR C4B    C Y N 44  
BNR "O4'"  O N N 45  
BNR C5B    C Y N 46  
BNR C6B    C N N 47  
BNR "O6'"  O N N 48  
BNR C7B    C Y N 49  
BNR C8B    C Y N 50  
BNR "O8'"  O N N 51  
BNR "C9'"  C Y N 52  
BNR "CA'"  C N S 53  
BNR "OA'"  O N N 54  
BNR "CB'"  C N N 55  
BNR "CC'"  C N S 56  
BNR "OC'"  O N N 57  
BNR "CD'"  C N N 58  
BNR "OD'"  O N N 59  
BNR "CE'"  C N N 60  
BNR "CF'"  C N N 61  
BNR "CG'"  C Y N 62  
BNR "CH'"  C Y N 63  
BNR "OH'"  O N N 64  
BNR "CI'"  C Y N 65  
BNR "CJ'"  C N N 66  
BNR "OJ'"  O N N 67  
BNR "CK'"  C Y N 68  
BNR "CL'"  C N N 69  
BNR C1D    C N R 70  
BNR C2D    C N N 71  
BNR C3D    C N S 72  
BNR O3D    O N N 73  
BNR C4D    C N S 74  
BNR N4D    N N N 75  
BNR C5D    C N S 76  
BNR O5D    O N N 77  
BNR C6D    C N N 78  
BNR C7D    C N N 79  
BNR C8D    C Y N 80  
BNR C9A    C Y N 81  
BNR C9B    C Y N 82  
BNR C1A    C Y N 83  
BNR C1C    C Y N 84  
BNR H1     H N N 85  
BNR H2     H N N 86  
BNR H3     H N N 87  
BNR HO8    H N N 88  
BNR H10    H N N 89  
BNR H111   H N N 90  
BNR H112   H N N 91  
BNR H12    H N N 92  
BNR H141   H N N 93  
BNR H142   H N N 94  
BNR H143   H N N 95  
BNR H151   H N N 96  
BNR H152   H N N 97  
BNR H17    H N N 98  
BNR H211   H N N 99  
BNR H212   H N N 100 
BNR H213   H N N 101 
BNR "H1'"  H N N 102 
BNR "H2'1" H N N 103 
BNR "H2'2" H N N 104 
BNR "H3'"  H N N 105 
BNR "HO3'" H N N 106 
BNR "H4'"  H N N 107 
BNR "HN'1" H N N 108 
BNR "HN'2" H N N 109 
BNR "H5'"  H N N 110 
BNR "H6'1" H N N 111 
BNR "H6'2" H N N 112 
BNR "H6'3" H N N 113 
BNR "H7'1" H N N 114 
BNR "H7'2" H N N 115 
BNR H1B    H N N 116 
BNR "H2'"  H N N 117 
BNR H3B    H N N 118 
BNR "HO8'" H N N 119 
BNR "H10'" H N N 120 
BNR "HL'1" H N N 121 
BNR "HL'2" H N N 122 
BNR "H12'" H N N 123 
BNR "HK'1" H N N 124 
BNR "HK'2" H N N 125 
BNR "HK'3" H N N 126 
BNR "HJ'1" H N N 127 
BNR "HJ'2" H N N 128 
BNR "H17'" H N N 129 
BNR "HI'1" H N N 130 
BNR "HI'2" H N N 131 
BNR "HI'3" H N N 132 
BNR H1D    H N N 133 
BNR H2B    H N N 134 
BNR H2D    H N N 135 
BNR H3D    H N N 136 
BNR HO3A   H N N 137 
BNR H4D    H N N 138 
BNR HNB    H N N 139 
BNR HND    H N N 140 
BNR H5D    H N N 141 
BNR H6B    H N N 142 
BNR H6D    H N N 143 
BNR H6E    H N N 144 
BNR H7B    H N N 145 
BNR H7D    H N N 146 
BNR H9A    H N N 147 
BNR H9B    H N N 148 
BNR "H9A'" H N N 149 
BNR "H9B'" H N N 150 
DA  OP3    O N N 151 
DA  P      P N N 152 
DA  OP1    O N N 153 
DA  OP2    O N N 154 
DA  "O5'"  O N N 155 
DA  "C5'"  C N N 156 
DA  "C4'"  C N R 157 
DA  "O4'"  O N N 158 
DA  "C3'"  C N S 159 
DA  "O3'"  O N N 160 
DA  "C2'"  C N N 161 
DA  "C1'"  C N R 162 
DA  N9     N Y N 163 
DA  C8     C Y N 164 
DA  N7     N Y N 165 
DA  C5     C Y N 166 
DA  C6     C Y N 167 
DA  N6     N N N 168 
DA  N1     N Y N 169 
DA  C2     C Y N 170 
DA  N3     N Y N 171 
DA  C4     C Y N 172 
DA  HOP3   H N N 173 
DA  HOP2   H N N 174 
DA  "H5'"  H N N 175 
DA  "H5''" H N N 176 
DA  "H4'"  H N N 177 
DA  "H3'"  H N N 178 
DA  "HO3'" H N N 179 
DA  "H2'"  H N N 180 
DA  "H2''" H N N 181 
DA  "H1'"  H N N 182 
DA  H8     H N N 183 
DA  H61    H N N 184 
DA  H62    H N N 185 
DA  H2     H N N 186 
DC  OP3    O N N 187 
DC  P      P N N 188 
DC  OP1    O N N 189 
DC  OP2    O N N 190 
DC  "O5'"  O N N 191 
DC  "C5'"  C N N 192 
DC  "C4'"  C N R 193 
DC  "O4'"  O N N 194 
DC  "C3'"  C N S 195 
DC  "O3'"  O N N 196 
DC  "C2'"  C N N 197 
DC  "C1'"  C N R 198 
DC  N1     N N N 199 
DC  C2     C N N 200 
DC  O2     O N N 201 
DC  N3     N N N 202 
DC  C4     C N N 203 
DC  N4     N N N 204 
DC  C5     C N N 205 
DC  C6     C N N 206 
DC  HOP3   H N N 207 
DC  HOP2   H N N 208 
DC  "H5'"  H N N 209 
DC  "H5''" H N N 210 
DC  "H4'"  H N N 211 
DC  "H3'"  H N N 212 
DC  "HO3'" H N N 213 
DC  "H2'"  H N N 214 
DC  "H2''" H N N 215 
DC  "H1'"  H N N 216 
DC  H41    H N N 217 
DC  H42    H N N 218 
DC  H5     H N N 219 
DC  H6     H N N 220 
DG  OP3    O N N 221 
DG  P      P N N 222 
DG  OP1    O N N 223 
DG  OP2    O N N 224 
DG  "O5'"  O N N 225 
DG  "C5'"  C N N 226 
DG  "C4'"  C N R 227 
DG  "O4'"  O N N 228 
DG  "C3'"  C N S 229 
DG  "O3'"  O N N 230 
DG  "C2'"  C N N 231 
DG  "C1'"  C N R 232 
DG  N9     N Y N 233 
DG  C8     C Y N 234 
DG  N7     N Y N 235 
DG  C5     C Y N 236 
DG  C6     C N N 237 
DG  O6     O N N 238 
DG  N1     N N N 239 
DG  C2     C N N 240 
DG  N2     N N N 241 
DG  N3     N N N 242 
DG  C4     C Y N 243 
DG  HOP3   H N N 244 
DG  HOP2   H N N 245 
DG  "H5'"  H N N 246 
DG  "H5''" H N N 247 
DG  "H4'"  H N N 248 
DG  "H3'"  H N N 249 
DG  "HO3'" H N N 250 
DG  "H2'"  H N N 251 
DG  "H2''" H N N 252 
DG  "H1'"  H N N 253 
DG  H8     H N N 254 
DG  H1     H N N 255 
DG  H21    H N N 256 
DG  H22    H N N 257 
DT  OP3    O N N 258 
DT  P      P N N 259 
DT  OP1    O N N 260 
DT  OP2    O N N 261 
DT  "O5'"  O N N 262 
DT  "C5'"  C N N 263 
DT  "C4'"  C N R 264 
DT  "O4'"  O N N 265 
DT  "C3'"  C N S 266 
DT  "O3'"  O N N 267 
DT  "C2'"  C N N 268 
DT  "C1'"  C N R 269 
DT  N1     N N N 270 
DT  C2     C N N 271 
DT  O2     O N N 272 
DT  N3     N N N 273 
DT  C4     C N N 274 
DT  O4     O N N 275 
DT  C5     C N N 276 
DT  C7     C N N 277 
DT  C6     C N N 278 
DT  HOP3   H N N 279 
DT  HOP2   H N N 280 
DT  "H5'"  H N N 281 
DT  "H5''" H N N 282 
DT  "H4'"  H N N 283 
DT  "H3'"  H N N 284 
DT  "HO3'" H N N 285 
DT  "H2'"  H N N 286 
DT  "H2''" H N N 287 
DT  "H1'"  H N N 288 
DT  H3     H N N 289 
DT  H71    H N N 290 
DT  H72    H N N 291 
DT  H73    H N N 292 
DT  H6     H N N 293 
# 
loop_
_chem_comp_bond.comp_id 
_chem_comp_bond.atom_id_1 
_chem_comp_bond.atom_id_2 
_chem_comp_bond.value_order 
_chem_comp_bond.pdbx_aromatic_flag 
_chem_comp_bond.pdbx_stereo_config 
_chem_comp_bond.pdbx_ordinal 
BNR C1    C2     doub Y N 1   
BNR C1    C20    sing Y N 2   
BNR C1    H1     sing N N 3   
BNR C2    C3     sing Y N 4   
BNR C2    H2     sing N N 5   
BNR C3    C4     doub Y N 6   
BNR C3    H3     sing N N 7   
BNR C4    O4     sing N N 8   
BNR C4    C5     sing Y N 9   
BNR O4    C21    sing N N 10  
BNR C5    C6     sing N N 11  
BNR C5    C20    doub Y N 12  
BNR C6    O6     doub N N 13  
BNR C6    C7     sing N N 14  
BNR C7    C8     sing Y N 15  
BNR C7    C18    doub Y N 16  
BNR C8    O8     sing N N 17  
BNR C8    C9     doub Y N 18  
BNR O8    HO8    sing N N 19  
BNR C9    C10    sing N N 20  
BNR C9    C16    sing Y N 21  
BNR C10   O10    sing N N 22  
BNR C10   C11    sing N N 23  
BNR C10   H10    sing N N 24  
BNR O10   "C1'"  sing N N 25  
BNR C11   C12    sing N N 26  
BNR C11   H111   sing N N 27  
BNR C11   H112   sing N N 28  
BNR C12   O12    sing N N 29  
BNR C12   C13    sing N N 30  
BNR C12   C15    sing N N 31  
BNR O12   H12    sing N N 32  
BNR C13   O13    doub N N 33  
BNR C13   C14    sing N N 34  
BNR C14   H141   sing N N 35  
BNR C14   H142   sing N N 36  
BNR C14   H143   sing N N 37  
BNR C15   C16    sing N N 38  
BNR C15   H151   sing N N 39  
BNR C15   H152   sing N N 40  
BNR C16   C17    doub Y N 41  
BNR C17   O17    sing N N 42  
BNR C17   C18    sing Y N 43  
BNR O17   H17    sing N N 44  
BNR C18   C19    sing N N 45  
BNR C19   O19    doub N N 46  
BNR C19   C20    sing N N 47  
BNR C21   H211   sing N N 48  
BNR C21   H212   sing N N 49  
BNR C21   H213   sing N N 50  
BNR "C1'" "C2'"  sing N N 51  
BNR "C1'" "O5'"  sing N N 52  
BNR "C1'" "H1'"  sing N N 53  
BNR "C2'" "C3'"  sing N N 54  
BNR "C2'" "H2'1" sing N N 55  
BNR "C2'" "H2'2" sing N N 56  
BNR "C3'" "O3'"  sing N N 57  
BNR "C3'" "C4'"  sing N N 58  
BNR "C3'" "H3'"  sing N N 59  
BNR "O3'" "HO3'" sing N N 60  
BNR "C4'" "N4'"  sing N N 61  
BNR "C4'" "C5'"  sing N N 62  
BNR "C4'" "H4'"  sing N N 63  
BNR "N4'" "C7'"  sing N N 64  
BNR "N4'" "HN'1" sing N N 65  
BNR "N4'" "HN'2" sing N N 66  
BNR "C5'" "O5'"  sing N N 67  
BNR "C5'" "C6'"  sing N N 68  
BNR "C5'" "H5'"  sing N N 69  
BNR "C6'" "H6'1" sing N N 70  
BNR "C6'" "H6'2" sing N N 71  
BNR "C6'" "H6'3" sing N N 72  
BNR "C7'" "C8'"  sing N N 73  
BNR "C7'" "H7'1" sing N N 74  
BNR "C7'" "H7'2" sing N N 75  
BNR "C8'" C9A    doub Y N 76  
BNR "C8'" C9B    sing Y N 77  
BNR C1B   C2B    doub Y N 78  
BNR C1B   "CK'"  sing Y N 79  
BNR C1B   H1B    sing N N 80  
BNR C2B   C3B    sing Y N 81  
BNR C2B   "H2'"  sing N N 82  
BNR C3B   C4B    doub Y N 83  
BNR C3B   H3B    sing N N 84  
BNR C4B   "O4'"  sing N N 85  
BNR C4B   C5B    sing Y N 86  
BNR "O4'" "CL'"  sing N N 87  
BNR C5B   C6B    sing N N 88  
BNR C5B   "CK'"  doub Y N 89  
BNR C6B   "O6'"  doub N N 90  
BNR C6B   C7B    sing N N 91  
BNR C7B   C8B    sing Y N 92  
BNR C7B   "CI'"  doub Y N 93  
BNR C8B   "O8'"  sing N N 94  
BNR C8B   "C9'"  doub Y N 95  
BNR "O8'" "HO8'" sing N N 96  
BNR "C9'" "CA'"  sing N N 97  
BNR "C9'" "CG'"  sing Y N 98  
BNR "CA'" "OA'"  sing N N 99  
BNR "CA'" "CB'"  sing N N 100 
BNR "CA'" "H10'" sing N N 101 
BNR "OA'" C1D    sing N N 102 
BNR "CB'" "CC'"  sing N N 103 
BNR "CB'" "HL'1" sing N N 104 
BNR "CB'" "HL'2" sing N N 105 
BNR "CC'" "OC'"  sing N N 106 
BNR "CC'" "CD'"  sing N N 107 
BNR "CC'" "CF'"  sing N N 108 
BNR "OC'" "H12'" sing N N 109 
BNR "CD'" "OD'"  doub N N 110 
BNR "CD'" "CE'"  sing N N 111 
BNR "CE'" "HK'1" sing N N 112 
BNR "CE'" "HK'2" sing N N 113 
BNR "CE'" "HK'3" sing N N 114 
BNR "CF'" "CG'"  sing N N 115 
BNR "CF'" "HJ'1" sing N N 116 
BNR "CF'" "HJ'2" sing N N 117 
BNR "CG'" "CH'"  doub Y N 118 
BNR "CH'" "OH'"  sing N N 119 
BNR "CH'" "CI'"  sing Y N 120 
BNR "OH'" "H17'" sing N N 121 
BNR "CI'" "CJ'"  sing N N 122 
BNR "CJ'" "OJ'"  doub N N 123 
BNR "CJ'" "CK'"  sing N N 124 
BNR "CL'" "HI'1" sing N N 125 
BNR "CL'" "HI'2" sing N N 126 
BNR "CL'" "HI'3" sing N N 127 
BNR C1D   C2D    sing N N 128 
BNR C1D   O5D    sing N N 129 
BNR C1D   H1D    sing N N 130 
BNR C2D   C3D    sing N N 131 
BNR C2D   H2B    sing N N 132 
BNR C2D   H2D    sing N N 133 
BNR C3D   O3D    sing N N 134 
BNR C3D   C4D    sing N N 135 
BNR C3D   H3D    sing N N 136 
BNR O3D   HO3A   sing N N 137 
BNR C4D   N4D    sing N N 138 
BNR C4D   C5D    sing N N 139 
BNR C4D   H4D    sing N N 140 
BNR N4D   C7D    sing N N 141 
BNR N4D   HNB    sing N N 142 
BNR N4D   HND    sing N N 143 
BNR C5D   O5D    sing N N 144 
BNR C5D   C6D    sing N N 145 
BNR C5D   H5D    sing N N 146 
BNR C6D   H6B    sing N N 147 
BNR C6D   H6D    sing N N 148 
BNR C6D   H6E    sing N N 149 
BNR C7D   C8D    sing N N 150 
BNR C7D   H7B    sing N N 151 
BNR C7D   H7D    sing N N 152 
BNR C8D   C1A    doub Y N 153 
BNR C8D   C1C    sing Y N 154 
BNR C9A   C1A    sing Y N 155 
BNR C9A   H9A    sing N N 156 
BNR C9B   C1C    doub Y N 157 
BNR C9B   H9B    sing N N 158 
BNR C1A   "H9A'" sing N N 159 
BNR C1C   "H9B'" sing N N 160 
DA  OP3   P      sing N N 161 
DA  OP3   HOP3   sing N N 162 
DA  P     OP1    doub N N 163 
DA  P     OP2    sing N N 164 
DA  P     "O5'"  sing N N 165 
DA  OP2   HOP2   sing N N 166 
DA  "O5'" "C5'"  sing N N 167 
DA  "C5'" "C4'"  sing N N 168 
DA  "C5'" "H5'"  sing N N 169 
DA  "C5'" "H5''" sing N N 170 
DA  "C4'" "O4'"  sing N N 171 
DA  "C4'" "C3'"  sing N N 172 
DA  "C4'" "H4'"  sing N N 173 
DA  "O4'" "C1'"  sing N N 174 
DA  "C3'" "O3'"  sing N N 175 
DA  "C3'" "C2'"  sing N N 176 
DA  "C3'" "H3'"  sing N N 177 
DA  "O3'" "HO3'" sing N N 178 
DA  "C2'" "C1'"  sing N N 179 
DA  "C2'" "H2'"  sing N N 180 
DA  "C2'" "H2''" sing N N 181 
DA  "C1'" N9     sing N N 182 
DA  "C1'" "H1'"  sing N N 183 
DA  N9    C8     sing Y N 184 
DA  N9    C4     sing Y N 185 
DA  C8    N7     doub Y N 186 
DA  C8    H8     sing N N 187 
DA  N7    C5     sing Y N 188 
DA  C5    C6     sing Y N 189 
DA  C5    C4     doub Y N 190 
DA  C6    N6     sing N N 191 
DA  C6    N1     doub Y N 192 
DA  N6    H61    sing N N 193 
DA  N6    H62    sing N N 194 
DA  N1    C2     sing Y N 195 
DA  C2    N3     doub Y N 196 
DA  C2    H2     sing N N 197 
DA  N3    C4     sing Y N 198 
DC  OP3   P      sing N N 199 
DC  OP3   HOP3   sing N N 200 
DC  P     OP1    doub N N 201 
DC  P     OP2    sing N N 202 
DC  P     "O5'"  sing N N 203 
DC  OP2   HOP2   sing N N 204 
DC  "O5'" "C5'"  sing N N 205 
DC  "C5'" "C4'"  sing N N 206 
DC  "C5'" "H5'"  sing N N 207 
DC  "C5'" "H5''" sing N N 208 
DC  "C4'" "O4'"  sing N N 209 
DC  "C4'" "C3'"  sing N N 210 
DC  "C4'" "H4'"  sing N N 211 
DC  "O4'" "C1'"  sing N N 212 
DC  "C3'" "O3'"  sing N N 213 
DC  "C3'" "C2'"  sing N N 214 
DC  "C3'" "H3'"  sing N N 215 
DC  "O3'" "HO3'" sing N N 216 
DC  "C2'" "C1'"  sing N N 217 
DC  "C2'" "H2'"  sing N N 218 
DC  "C2'" "H2''" sing N N 219 
DC  "C1'" N1     sing N N 220 
DC  "C1'" "H1'"  sing N N 221 
DC  N1    C2     sing N N 222 
DC  N1    C6     sing N N 223 
DC  C2    O2     doub N N 224 
DC  C2    N3     sing N N 225 
DC  N3    C4     doub N N 226 
DC  C4    N4     sing N N 227 
DC  C4    C5     sing N N 228 
DC  N4    H41    sing N N 229 
DC  N4    H42    sing N N 230 
DC  C5    C6     doub N N 231 
DC  C5    H5     sing N N 232 
DC  C6    H6     sing N N 233 
DG  OP3   P      sing N N 234 
DG  OP3   HOP3   sing N N 235 
DG  P     OP1    doub N N 236 
DG  P     OP2    sing N N 237 
DG  P     "O5'"  sing N N 238 
DG  OP2   HOP2   sing N N 239 
DG  "O5'" "C5'"  sing N N 240 
DG  "C5'" "C4'"  sing N N 241 
DG  "C5'" "H5'"  sing N N 242 
DG  "C5'" "H5''" sing N N 243 
DG  "C4'" "O4'"  sing N N 244 
DG  "C4'" "C3'"  sing N N 245 
DG  "C4'" "H4'"  sing N N 246 
DG  "O4'" "C1'"  sing N N 247 
DG  "C3'" "O3'"  sing N N 248 
DG  "C3'" "C2'"  sing N N 249 
DG  "C3'" "H3'"  sing N N 250 
DG  "O3'" "HO3'" sing N N 251 
DG  "C2'" "C1'"  sing N N 252 
DG  "C2'" "H2'"  sing N N 253 
DG  "C2'" "H2''" sing N N 254 
DG  "C1'" N9     sing N N 255 
DG  "C1'" "H1'"  sing N N 256 
DG  N9    C8     sing Y N 257 
DG  N9    C4     sing Y N 258 
DG  C8    N7     doub Y N 259 
DG  C8    H8     sing N N 260 
DG  N7    C5     sing Y N 261 
DG  C5    C6     sing N N 262 
DG  C5    C4     doub Y N 263 
DG  C6    O6     doub N N 264 
DG  C6    N1     sing N N 265 
DG  N1    C2     sing N N 266 
DG  N1    H1     sing N N 267 
DG  C2    N2     sing N N 268 
DG  C2    N3     doub N N 269 
DG  N2    H21    sing N N 270 
DG  N2    H22    sing N N 271 
DG  N3    C4     sing N N 272 
DT  OP3   P      sing N N 273 
DT  OP3   HOP3   sing N N 274 
DT  P     OP1    doub N N 275 
DT  P     OP2    sing N N 276 
DT  P     "O5'"  sing N N 277 
DT  OP2   HOP2   sing N N 278 
DT  "O5'" "C5'"  sing N N 279 
DT  "C5'" "C4'"  sing N N 280 
DT  "C5'" "H5'"  sing N N 281 
DT  "C5'" "H5''" sing N N 282 
DT  "C4'" "O4'"  sing N N 283 
DT  "C4'" "C3'"  sing N N 284 
DT  "C4'" "H4'"  sing N N 285 
DT  "O4'" "C1'"  sing N N 286 
DT  "C3'" "O3'"  sing N N 287 
DT  "C3'" "C2'"  sing N N 288 
DT  "C3'" "H3'"  sing N N 289 
DT  "O3'" "HO3'" sing N N 290 
DT  "C2'" "C1'"  sing N N 291 
DT  "C2'" "H2'"  sing N N 292 
DT  "C2'" "H2''" sing N N 293 
DT  "C1'" N1     sing N N 294 
DT  "C1'" "H1'"  sing N N 295 
DT  N1    C2     sing N N 296 
DT  N1    C6     sing N N 297 
DT  C2    O2     doub N N 298 
DT  C2    N3     sing N N 299 
DT  N3    C4     sing N N 300 
DT  N3    H3     sing N N 301 
DT  C4    O4     doub N N 302 
DT  C4    C5     sing N N 303 
DT  C5    C7     sing N N 304 
DT  C5    C6     doub N N 305 
DT  C7    H71    sing N N 306 
DT  C7    H72    sing N N 307 
DT  C7    H73    sing N N 308 
DT  C6    H6     sing N N 309 
# 
loop_
_ndb_struct_conf_na.entry_id 
_ndb_struct_conf_na.feature 
1AMD 'double helix'        
1AMD 'b-form double helix' 
# 
loop_
_ndb_struct_na_base_pair.model_number 
_ndb_struct_na_base_pair.i_label_asym_id 
_ndb_struct_na_base_pair.i_label_comp_id 
_ndb_struct_na_base_pair.i_label_seq_id 
_ndb_struct_na_base_pair.i_symmetry 
_ndb_struct_na_base_pair.j_label_asym_id 
_ndb_struct_na_base_pair.j_label_comp_id 
_ndb_struct_na_base_pair.j_label_seq_id 
_ndb_struct_na_base_pair.j_symmetry 
_ndb_struct_na_base_pair.shear 
_ndb_struct_na_base_pair.stretch 
_ndb_struct_na_base_pair.stagger 
_ndb_struct_na_base_pair.buckle 
_ndb_struct_na_base_pair.propeller 
_ndb_struct_na_base_pair.opening 
_ndb_struct_na_base_pair.pair_number 
_ndb_struct_na_base_pair.pair_name 
_ndb_struct_na_base_pair.i_auth_asym_id 
_ndb_struct_na_base_pair.i_auth_seq_id 
_ndb_struct_na_base_pair.i_PDB_ins_code 
_ndb_struct_na_base_pair.j_auth_asym_id 
_ndb_struct_na_base_pair.j_auth_seq_id 
_ndb_struct_na_base_pair.j_PDB_ins_code 
_ndb_struct_na_base_pair.hbond_type_28 
_ndb_struct_na_base_pair.hbond_type_12 
1 A DT 1 1_555 B DA 6 1_555 -0.691 0.319  0.205  35.231  9.561   -18.167 1 A_DT1:DA12_B A 1 ? B 12 ? 20 1 
1 A DG 2 1_555 B DC 5 1_555 0.263  0.172  0.103  -3.086  9.639   6.541   2 A_DG2:DC11_B A 2 ? B 11 ? 19 1 
1 A DT 3 1_555 B DA 4 1_555 0.308  -0.351 0.435  5.935   10.856  -7.457  3 A_DT3:DA10_B A 3 ? B 10 ? 20 1 
1 A DA 4 1_555 B DT 3 1_555 0.126  0.113  -0.033 -12.711 3.763   8.392   4 A_DA4:DT9_B  A 4 ? B 9  ? 20 1 
1 A DC 5 1_555 B DG 2 1_555 0.005  -0.153 0.081  -2.297  -1.890  -3.476  5 A_DC5:DG8_B  A 5 ? B 8  ? 19 1 
1 A DA 6 1_555 B DT 1 1_555 0.051  0.015  -0.158 13.795  -13.329 -2.828  6 A_DA6:DT7_B  A 6 ? B 7  ? 20 1 
# 
loop_
_ndb_struct_na_base_pair_step.model_number 
_ndb_struct_na_base_pair_step.i_label_asym_id_1 
_ndb_struct_na_base_pair_step.i_label_comp_id_1 
_ndb_struct_na_base_pair_step.i_label_seq_id_1 
_ndb_struct_na_base_pair_step.i_symmetry_1 
_ndb_struct_na_base_pair_step.j_label_asym_id_1 
_ndb_struct_na_base_pair_step.j_label_comp_id_1 
_ndb_struct_na_base_pair_step.j_label_seq_id_1 
_ndb_struct_na_base_pair_step.j_symmetry_1 
_ndb_struct_na_base_pair_step.i_label_asym_id_2 
_ndb_struct_na_base_pair_step.i_label_comp_id_2 
_ndb_struct_na_base_pair_step.i_label_seq_id_2 
_ndb_struct_na_base_pair_step.i_symmetry_2 
_ndb_struct_na_base_pair_step.j_label_asym_id_2 
_ndb_struct_na_base_pair_step.j_label_comp_id_2 
_ndb_struct_na_base_pair_step.j_label_seq_id_2 
_ndb_struct_na_base_pair_step.j_symmetry_2 
_ndb_struct_na_base_pair_step.shift 
_ndb_struct_na_base_pair_step.slide 
_ndb_struct_na_base_pair_step.rise 
_ndb_struct_na_base_pair_step.tilt 
_ndb_struct_na_base_pair_step.roll 
_ndb_struct_na_base_pair_step.twist 
_ndb_struct_na_base_pair_step.x_displacement 
_ndb_struct_na_base_pair_step.y_displacement 
_ndb_struct_na_base_pair_step.helical_rise 
_ndb_struct_na_base_pair_step.inclination 
_ndb_struct_na_base_pair_step.tip 
_ndb_struct_na_base_pair_step.helical_twist 
_ndb_struct_na_base_pair_step.step_number 
_ndb_struct_na_base_pair_step.step_name 
_ndb_struct_na_base_pair_step.i_auth_asym_id_1 
_ndb_struct_na_base_pair_step.i_auth_seq_id_1 
_ndb_struct_na_base_pair_step.i_PDB_ins_code_1 
_ndb_struct_na_base_pair_step.j_auth_asym_id_1 
_ndb_struct_na_base_pair_step.j_auth_seq_id_1 
_ndb_struct_na_base_pair_step.j_PDB_ins_code_1 
_ndb_struct_na_base_pair_step.i_auth_asym_id_2 
_ndb_struct_na_base_pair_step.i_auth_seq_id_2 
_ndb_struct_na_base_pair_step.i_PDB_ins_code_2 
_ndb_struct_na_base_pair_step.j_auth_asym_id_2 
_ndb_struct_na_base_pair_step.j_auth_seq_id_2 
_ndb_struct_na_base_pair_step.j_PDB_ins_code_2 
1 A DT 1 1_555 B DA 6 1_555 A DG 2 1_555 B DC 5 1_555 1.902  1.606  6.736 -3.316 4.588   40.301 1.261  -3.494 6.700 6.620   4.784  
40.680 1 AA_DT1DG2:DC11DA12_BB A 1 ? B 12 ? A 2 ? B 11 ? 
1 A DG 2 1_555 B DC 5 1_555 A DT 3 1_555 B DA 4 1_555 -1.545 -0.411 2.921 -0.549 4.730   20.116 -2.974 4.095  2.791 13.301  1.544  
20.666 2 AA_DG2DT3:DA10DC11_BB A 2 ? B 11 ? A 3 ? B 10 ? 
1 A DT 3 1_555 B DA 4 1_555 A DA 4 1_555 B DT 3 1_555 0.879  1.283  6.542 2.820  -1.239  35.790 2.435  -0.618 6.543 -2.011  -4.578 
35.918 3 AA_DT3DA4:DT9DA10_BB  A 3 ? B 10 ? A 4 ? B 9  ? 
1 A DA 4 1_555 B DT 3 1_555 A DC 5 1_555 B DG 2 1_555 -0.678 -0.293 2.987 0.816  -1.912  23.917 -0.141 1.872  2.976 -4.603  -1.964 
24.006 4 AA_DA4DC5:DG8DT9_BB   A 4 ? B 9  ? A 5 ? B 8  ? 
1 A DC 5 1_555 B DG 2 1_555 A DA 6 1_555 B DT 1 1_555 0.118  1.281  3.537 -3.209 -11.908 50.381 2.302  -0.360 3.166 -13.753 3.707  
51.773 5 AA_DC5DA6:DT7DG8_BB   A 5 ? B 8  ? A 6 ? B 7  ? 
# 
_pdbx_nmr_spectrometer.spectrometer_id   1 
_pdbx_nmr_spectrometer.model             'INOVA 750' 
_pdbx_nmr_spectrometer.manufacturer      Varian 
_pdbx_nmr_spectrometer.field_strength    750 
# 
_atom_sites.entry_id                    1AMD 
_atom_sites.fract_transf_matrix[1][1]   1.000000 
_atom_sites.fract_transf_matrix[1][2]   0.000000 
_atom_sites.fract_transf_matrix[1][3]   0.000000 
_atom_sites.fract_transf_matrix[2][1]   0.000000 
_atom_sites.fract_transf_matrix[2][2]   1.000000 
_atom_sites.fract_transf_matrix[2][3]   0.000000 
_atom_sites.fract_transf_matrix[3][1]   0.000000 
_atom_sites.fract_transf_matrix[3][2]   0.000000 
_atom_sites.fract_transf_matrix[3][3]   1.000000 
_atom_sites.fract_transf_vector[1]      0.00000 
_atom_sites.fract_transf_vector[2]      0.00000 
_atom_sites.fract_transf_vector[3]      0.00000 
# 
loop_
_atom_type.symbol 
C 
H 
N 
O 
P 
# 
loop_
_atom_site.group_PDB 
_atom_site.id 
_atom_site.type_symbol 
_atom_site.label_atom_id 
_atom_site.label_alt_id 
_atom_site.label_comp_id 
_atom_site.label_asym_id 
_atom_site.label_entity_id 
_atom_site.label_seq_id 
_atom_site.pdbx_PDB_ins_code 
_atom_site.Cartn_x 
_atom_site.Cartn_y 
_atom_site.Cartn_z 
_atom_site.occupancy 
_atom_site.B_iso_or_equiv 
_atom_site.pdbx_formal_charge 
_atom_site.auth_seq_id 
_atom_site.auth_comp_id 
_atom_site.auth_asym_id 
_atom_site.auth_atom_id 
_atom_site.pdbx_PDB_model_num 
ATOM   1   O "O5'"  . DT  A 1 1 ? -11.139 -7.014 -5.991  1.00 23.97 ? 1  DT  A "O5'"  1 
ATOM   2   C "C5'"  . DT  A 1 1 ? -9.869  -7.266 -5.394  1.00 23.64 ? 1  DT  A "C5'"  1 
ATOM   3   C "C4'"  . DT  A 1 1 ? -8.762  -6.676 -6.303  1.00 23.10 ? 1  DT  A "C4'"  1 
ATOM   4   O "O4'"  . DT  A 1 1 ? -9.028  -5.316 -6.674  1.00 22.32 ? 1  DT  A "O4'"  1 
ATOM   5   C "C3'"  . DT  A 1 1 ? -7.309  -6.750 -5.827  1.00 23.29 ? 1  DT  A "C3'"  1 
ATOM   6   O "O3'"  . DT  A 1 1 ? -6.735  -7.745 -6.687  1.00 24.92 ? 1  DT  A "O3'"  1 
ATOM   7   C "C2'"  . DT  A 1 1 ? -6.815  -5.272 -5.926  1.00 21.79 ? 1  DT  A "C2'"  1 
ATOM   8   C "C1'"  . DT  A 1 1 ? -7.808  -4.564 -6.844  1.00 20.16 ? 1  DT  A "C1'"  1 
ATOM   9   N N1     . DT  A 1 1 ? -8.159  -3.162 -6.517  1.00 0.00  ? 1  DT  A N1     1 
ATOM   10  C C2     . DT  A 1 1 ? -7.707  -2.113 -7.311  1.00 0.00  ? 1  DT  A C2     1 
ATOM   11  O O2     . DT  A 1 1 ? -6.874  -2.269 -8.201  1.00 0.00  ? 1  DT  A O2     1 
ATOM   12  N N3     . DT  A 1 1 ? -8.255  -0.870 -7.025  1.00 0.00  ? 1  DT  A N3     1 
ATOM   13  C C4     . DT  A 1 1 ? -9.181  -0.603 -6.033  1.00 0.00  ? 1  DT  A C4     1 
ATOM   14  O O4     . DT  A 1 1 ? -9.654  0.522  -5.901  1.00 0.00  ? 1  DT  A O4     1 
ATOM   15  C C5     . DT  A 1 1 ? -9.512  -1.743 -5.218  1.00 0.00  ? 1  DT  A C5     1 
ATOM   16  C C7     . DT  A 1 1 ? -10.499 -1.606 -4.073  1.00 0.00  ? 1  DT  A C7     1 
ATOM   17  C C6     . DT  A 1 1 ? -8.971  -2.940 -5.459  1.00 0.00  ? 1  DT  A C6     1 
ATOM   18  H "H5'"  . DT  A 1 1 ? -9.819  -8.349 -5.246  1.00 0.00  ? 1  DT  A "H5'"  1 
ATOM   19  H "H5''" . DT  A 1 1 ? -9.866  -6.833 -4.397  1.00 0.00  ? 1  DT  A "H5''" 1 
ATOM   20  H "H4'"  . DT  A 1 1 ? -8.763  -7.231 -7.240  1.00 0.00  ? 1  DT  A "H4'"  1 
ATOM   21  H "H3'"  . DT  A 1 1 ? -7.208  -7.099 -4.799  1.00 0.00  ? 1  DT  A "H3'"  1 
ATOM   22  H "H2'"  . DT  A 1 1 ? -6.837  -4.841 -4.920  1.00 0.00  ? 1  DT  A "H2'"  1 
ATOM   23  H "H2''" . DT  A 1 1 ? -5.807  -5.123 -6.326  1.00 0.00  ? 1  DT  A "H2''" 1 
ATOM   24  H "H1'"  . DT  A 1 1 ? -7.433  -4.530 -7.859  1.00 0.00  ? 1  DT  A "H1'"  1 
ATOM   25  H H3     . DT  A 1 1 ? -7.968  -0.071 -7.573  1.00 0.00  ? 1  DT  A H3     1 
ATOM   26  H H71    . DT  A 1 1 ? -9.999  -1.892 -3.147  1.00 0.00  ? 1  DT  A H71    1 
ATOM   27  H H72    . DT  A 1 1 ? -11.339 -2.273 -4.266  1.00 0.00  ? 1  DT  A H72    1 
ATOM   28  H H73    . DT  A 1 1 ? -10.845 -0.576 -4.018  1.00 0.00  ? 1  DT  A H73    1 
ATOM   29  H H6     . DT  A 1 1 ? -9.146  -3.788 -4.836  1.00 0.00  ? 1  DT  A H6     1 
ATOM   30  H "HO5'" . DT  A 1 1 ? -11.221 -6.061 -6.103  1.00 0.00  ? 1  DT  A "HO5'" 1 
ATOM   31  P P      . DG  A 1 2 ? -5.166  -7.942 -6.940  1.00 26.16 ? 2  DG  A P      1 
ATOM   32  O OP1    . DG  A 1 2 ? -4.952  -9.151 -7.766  1.00 25.67 ? 2  DG  A OP1    1 
ATOM   33  O OP2    . DG  A 1 2 ? -4.469  -7.777 -5.646  1.00 24.85 ? 2  DG  A OP2    1 
ATOM   34  O "O5'"  . DG  A 1 2 ? -4.968  -6.638 -7.855  1.00 24.78 ? 2  DG  A "O5'"  1 
ATOM   35  C "C5'"  . DG  A 1 2 ? -3.784  -6.065 -8.415  1.00 24.00 ? 2  DG  A "C5'"  1 
ATOM   36  C "C4'"  . DG  A 1 2 ? -2.659  -5.781 -7.462  1.00 23.09 ? 2  DG  A "C4'"  1 
ATOM   37  O "O4'"  . DG  A 1 2 ? -3.302  -5.084 -6.426  1.00 22.41 ? 2  DG  A "O4'"  1 
ATOM   38  C "C3'"  . DG  A 1 2 ? -1.872  -6.948 -6.890  1.00 23.30 ? 2  DG  A "C3'"  1 
ATOM   39  O "O3'"  . DG  A 1 2 ? -0.556  -7.123 -7.458  1.00 24.09 ? 2  DG  A "O3'"  1 
ATOM   40  C "C2'"  . DG  A 1 2 ? -1.853  -6.573 -5.408  1.00 22.43 ? 2  DG  A "C2'"  1 
ATOM   41  C "C1'"  . DG  A 1 2 ? -2.442  -5.156 -5.317  1.00 21.17 ? 2  DG  A "C1'"  1 
ATOM   42  N N9     . DG  A 1 2 ? -3.449  -4.833 -4.303  1.00 20.29 ? 2  DG  A N9     1 
ATOM   43  C C8     . DG  A 1 2 ? -4.408  -5.619 -3.726  1.00 20.06 ? 2  DG  A C8     1 
ATOM   44  N N7     . DG  A 1 2 ? -5.199  -4.972 -2.904  1.00 19.69 ? 2  DG  A N7     1 
ATOM   45  C C5     . DG  A 1 2 ? -4.704  -3.663 -2.931  1.00 19.82 ? 2  DG  A C5     1 
ATOM   46  C C6     . DG  A 1 2 ? -5.127  -2.485 -2.242  1.00 19.70 ? 2  DG  A C6     1 
ATOM   47  O O6     . DG  A 1 2 ? -6.042  -2.327 -1.441  1.00 19.95 ? 2  DG  A O6     1 
ATOM   48  N N1     . DG  A 1 2 ? -4.349  -1.389 -2.575  1.00 19.43 ? 2  DG  A N1     1 
ATOM   49  C C2     . DG  A 1 2 ? -3.282  -1.415 -3.439  1.00 19.39 ? 2  DG  A C2     1 
ATOM   50  N N2     . DG  A 1 2 ? -2.626  -0.283 -3.637  1.00 19.44 ? 2  DG  A N2     1 
ATOM   51  N N3     . DG  A 1 2 ? -2.875  -2.504 -4.077  1.00 19.52 ? 2  DG  A N3     1 
ATOM   52  C C4     . DG  A 1 2 ? -3.632  -3.584 -3.779  1.00 19.73 ? 2  DG  A C4     1 
ATOM   53  H "H5'"  . DG  A 1 2 ? -4.096  -5.057 -8.667  1.00 0.00  ? 2  DG  A "H5'"  1 
ATOM   54  H "H5''" . DG  A 1 2 ? -3.434  -6.629 -9.264  1.00 0.00  ? 2  DG  A "H5''" 1 
ATOM   55  H "H4'"  . DG  A 1 2 ? -1.958  -5.075 -7.843  1.00 0.00  ? 2  DG  A "H4'"  1 
ATOM   56  H "H3'"  . DG  A 1 2 ? -2.459  -7.834 -7.102  1.00 0.00  ? 2  DG  A "H3'"  1 
ATOM   57  H "H2'"  . DG  A 1 2 ? -2.484  -7.328 -4.943  1.00 0.00  ? 2  DG  A "H2'"  1 
ATOM   58  H "H2''" . DG  A 1 2 ? -0.839  -6.589 -5.002  1.00 0.00  ? 2  DG  A "H2''" 1 
ATOM   59  H "H1'"  . DG  A 1 2 ? -1.665  -4.392 -5.373  1.00 0.00  ? 2  DG  A "H1'"  1 
ATOM   60  H H8     . DG  A 1 2 ? -4.444  -6.694 -3.973  1.00 0.00  ? 2  DG  A H8     1 
ATOM   61  H H1     . DG  A 1 2 ? -4.591  -0.504 -2.155  1.00 0.00  ? 2  DG  A H1     1 
ATOM   62  H H21    . DG  A 1 2 ? -3.008  0.607  -3.348  1.00 0.00  ? 2  DG  A H21    1 
ATOM   63  H H22    . DG  A 1 2 ? -1.770  -0.294 -4.172  1.00 0.00  ? 2  DG  A H22    1 
ATOM   64  P P      . DT  A 1 3 ? 0.538   -8.136 -6.810  1.00 24.59 ? 3  DT  A P      1 
ATOM   65  O OP1    . DT  A 1 3 ? 1.522   -8.497 -7.858  1.00 23.88 ? 3  DT  A OP1    1 
ATOM   66  O OP2    . DT  A 1 3 ? -0.183  -9.204 -6.079  1.00 24.52 ? 3  DT  A OP2    1 
ATOM   67  O "O5'"  . DT  A 1 3 ? 1.263   -7.181 -5.724  1.00 23.90 ? 3  DT  A "O5'"  1 
ATOM   68  C "C5'"  . DT  A 1 3 ? 2.228   -6.227 -6.185  1.00 23.57 ? 3  DT  A "C5'"  1 
ATOM   69  C "C4'"  . DT  A 1 3 ? 2.517   -5.092 -5.164  1.00 22.88 ? 3  DT  A "C4'"  1 
ATOM   70  O "O4'"  . DT  A 1 3 ? 1.271   -4.526 -4.731  1.00 22.53 ? 3  DT  A "O4'"  1 
ATOM   71  C "C3'"  . DT  A 1 3 ? 3.233   -5.547 -3.890  1.00 22.47 ? 3  DT  A "C3'"  1 
ATOM   72  O "O3'"  . DT  A 1 3 ? 4.659   -5.454 -4.086  1.00 22.35 ? 3  DT  A "O3'"  1 
ATOM   73  C "C2'"  . DT  A 1 3 ? 2.634   -4.606 -2.839  1.00 22.08 ? 3  DT  A "C2'"  1 
ATOM   74  C "C1'"  . DT  A 1 3 ? 1.592   -3.760 -3.564  1.00 21.28 ? 3  DT  A "C1'"  1 
ATOM   75  N N1     . DT  A 1 3 ? 0.411   -3.612 -2.695  1.00 0.00  ? 3  DT  A N1     1 
ATOM   76  C C2     . DT  A 1 3 ? 0.126   -2.373 -2.145  1.00 0.00  ? 3  DT  A C2     1 
ATOM   77  O O2     . DT  A 1 3 ? 0.844   -1.380 -2.277  1.00 0.00  ? 3  DT  A O2     1 
ATOM   78  N N3     . DT  A 1 3 ? -1.031  -2.304 -1.408  1.00 0.00  ? 3  DT  A N3     1 
ATOM   79  C C4     . DT  A 1 3 ? -1.875  -3.353 -1.107  1.00 0.00  ? 3  DT  A C4     1 
ATOM   80  O O4     . DT  A 1 3 ? -2.837  -3.197 -0.363  1.00 0.00  ? 3  DT  A O4     1 
ATOM   81  C C5     . DT  A 1 3 ? -1.503  -4.600 -1.726  1.00 0.00  ? 3  DT  A C5     1 
ATOM   82  C C7     . DT  A 1 3 ? -2.423  -5.804 -1.541  1.00 0.00  ? 3  DT  A C7     1 
ATOM   83  C C6     . DT  A 1 3 ? -0.377  -4.694 -2.460  1.00 0.00  ? 3  DT  A C6     1 
ATOM   84  H "H5'"  . DT  A 1 3 ? 1.879   -5.858 -7.156  1.00 0.00  ? 3  DT  A "H5'"  1 
ATOM   85  H "H5''" . DT  A 1 3 ? 3.131   -6.797 -6.369  1.00 0.00  ? 3  DT  A "H5''" 1 
ATOM   86  H "H4'"  . DT  A 1 3 ? 3.153   -4.292 -5.547  1.00 0.00  ? 3  DT  A "H4'"  1 
ATOM   87  H "H3'"  . DT  A 1 3 ? 2.923   -6.556 -3.653  1.00 0.00  ? 3  DT  A "H3'"  1 
ATOM   88  H "H2'"  . DT  A 1 3 ? 2.117   -5.241 -2.110  1.00 0.00  ? 3  DT  A "H2'"  1 
ATOM   89  H "H2''" . DT  A 1 3 ? 3.319   -3.956 -2.306  1.00 0.00  ? 3  DT  A "H2''" 1 
ATOM   90  H "H1'"  . DT  A 1 3 ? 1.951   -2.772 -3.852  1.00 0.00  ? 3  DT  A "H1'"  1 
ATOM   91  H H3     . DT  A 1 3 ? -1.276  -1.382 -1.079  1.00 0.00  ? 3  DT  A H3     1 
ATOM   92  H H71    . DT  A 1 3 ? -2.052  -6.480 -0.783  1.00 0.00  ? 3  DT  A H71    1 
ATOM   93  H H72    . DT  A 1 3 ? -2.503  -6.337 -2.486  1.00 0.00  ? 3  DT  A H72    1 
ATOM   94  H H73    . DT  A 1 3 ? -3.414  -5.444 -1.245  1.00 0.00  ? 3  DT  A H73    1 
ATOM   95  H H6     . DT  A 1 3 ? -0.005  -5.601 -2.904  1.00 0.00  ? 3  DT  A H6     1 
ATOM   96  P P      . DA  A 1 4 ? 5.835   -5.938 -3.073  1.00 21.15 ? 4  DA  A P      1 
ATOM   97  O OP1    . DA  A 1 4 ? 7.003   -6.350 -3.886  1.00 21.65 ? 4  DA  A OP1    1 
ATOM   98  O OP2    . DA  A 1 4 ? 5.259   -6.879 -2.088  1.00 21.86 ? 4  DA  A OP2    1 
ATOM   99  O "O5'"  . DA  A 1 4 ? 6.224   -4.573 -2.295  1.00 20.60 ? 4  DA  A "O5'"  1 
ATOM   100 C "C5'"  . DA  A 1 4 ? 6.299   -3.357 -3.050  1.00 18.64 ? 4  DA  A "C5'"  1 
ATOM   101 C "C4'"  . DA  A 1 4 ? 6.869   -2.121 -2.321  1.00 18.18 ? 4  DA  A "C4'"  1 
ATOM   102 O "O4'"  . DA  A 1 4 ? 6.060   -1.684 -1.214  1.00 17.31 ? 4  DA  A "O4'"  1 
ATOM   103 C "C3'"  . DA  A 1 4 ? 8.296   -2.299 -1.809  1.00 18.25 ? 4  DA  A "C3'"  1 
ATOM   104 O "O3'"  . DA  A 1 4 ? 9.099   -1.113 -1.964  1.00 19.53 ? 4  DA  A "O3'"  1 
ATOM   105 C "C2'"  . DA  A 1 4 ? 8.053   -2.653 -0.344  1.00 17.60 ? 4  DA  A "C2'"  1 
ATOM   106 C "C1'"  . DA  A 1 4 ? 6.638   -2.073 0.047   1.00 16.41 ? 4  DA  A "C1'"  1 
ATOM   107 N N9     . DA  A 1 4 ? 5.690   -3.043 0.688   1.00 0.00  ? 4  DA  A N9     1 
ATOM   108 C C8     . DA  A 1 4 ? 5.507   -4.387 0.442   1.00 0.00  ? 4  DA  A C8     1 
ATOM   109 N N7     . DA  A 1 4 ? 4.566   -4.953 1.139   1.00 0.00  ? 4  DA  A N7     1 
ATOM   110 C C5     . DA  A 1 4 ? 4.079   -3.921 1.930   1.00 0.00  ? 4  DA  A C5     1 
ATOM   111 C C6     . DA  A 1 4 ? 3.058   -3.872 2.895   1.00 0.00  ? 4  DA  A C6     1 
ATOM   112 N N6     . DA  A 1 4 ? 2.291   -4.906 3.240   1.00 0.00  ? 4  DA  A N6     1 
ATOM   113 N N1     . DA  A 1 4 ? 2.841   -2.702 3.506   1.00 0.00  ? 4  DA  A N1     1 
ATOM   114 C C2     . DA  A 1 4 ? 3.571   -1.648 3.179   1.00 0.00  ? 4  DA  A C2     1 
ATOM   115 N N3     . DA  A 1 4 ? 4.537   -1.557 2.272   1.00 0.00  ? 4  DA  A N3     1 
ATOM   116 C C4     . DA  A 1 4 ? 4.755   -2.755 1.675   1.00 0.00  ? 4  DA  A C4     1 
ATOM   117 H "H5'"  . DA  A 1 4 ? 5.274   -3.158 -3.354  1.00 0.00  ? 4  DA  A "H5'"  1 
ATOM   118 H "H5''" . DA  A 1 4 ? 6.902   -3.557 -3.932  1.00 0.00  ? 4  DA  A "H5''" 1 
ATOM   119 H "H4'"  . DA  A 1 4 ? 6.904   -1.289 -3.031  1.00 0.00  ? 4  DA  A "H4'"  1 
ATOM   120 H "H3'"  . DA  A 1 4 ? 8.790   -3.069 -2.417  1.00 0.00  ? 4  DA  A "H3'"  1 
ATOM   121 H "H2'"  . DA  A 1 4 ? 8.097   -3.740 -0.280  1.00 0.00  ? 4  DA  A "H2'"  1 
ATOM   122 H "H2''" . DA  A 1 4 ? 8.911   -2.231 0.195   1.00 0.00  ? 4  DA  A "H2''" 1 
ATOM   123 H "H1'"  . DA  A 1 4 ? 6.649   -1.159 0.666   1.00 0.00  ? 4  DA  A "H1'"  1 
ATOM   124 H H8     . DA  A 1 4 ? 6.082   -4.975 -0.272  1.00 0.00  ? 4  DA  A H8     1 
ATOM   125 H H61    . DA  A 1 4 ? 1.535   -4.746 3.893   1.00 0.00  ? 4  DA  A H61    1 
ATOM   126 H H62    . DA  A 1 4 ? 2.435   -5.823 2.835   1.00 0.00  ? 4  DA  A H62    1 
ATOM   127 H H2     . DA  A 1 4 ? 3.324   -0.755 3.750   1.00 0.00  ? 4  DA  A H2     1 
ATOM   128 P P      . DC  A 1 5 ? 10.588  -0.948 -1.322  1.00 0.00  ? 5  DC  A P      1 
ATOM   129 O OP1    . DC  A 1 5 ? 11.266  0.166  -2.024  1.00 0.00  ? 5  DC  A OP1    1 
ATOM   130 O OP2    . DC  A 1 5 ? 11.230  -2.281 -1.259  1.00 0.00  ? 5  DC  A OP2    1 
ATOM   131 O "O5'"  . DC  A 1 5 ? 10.246  -0.488 0.189   1.00 0.00  ? 5  DC  A "O5'"  1 
ATOM   132 C "C5'"  . DC  A 1 5 ? 9.696   0.816  0.369   1.00 0.00  ? 5  DC  A "C5'"  1 
ATOM   133 C "C4'"  . DC  A 1 5 ? 9.171   1.120  1.794   1.00 0.00  ? 5  DC  A "C4'"  1 
ATOM   134 O "O4'"  . DC  A 1 5 ? 8.141   0.176  2.151   1.00 0.00  ? 5  DC  A "O4'"  1 
ATOM   135 C "C3'"  . DC  A 1 5 ? 10.209  1.128  2.969   1.00 0.00  ? 5  DC  A "C3'"  1 
ATOM   136 O "O3'"  . DC  A 1 5 ? 9.930   2.264  3.808   1.00 0.00  ? 5  DC  A "O3'"  1 
ATOM   137 C "C2'"  . DC  A 1 5 ? 9.786   -0.157 3.700   1.00 0.00  ? 5  DC  A "C2'"  1 
ATOM   138 C "C1'"  . DC  A 1 5 ? 8.243   -0.120 3.549   1.00 0.00  ? 5  DC  A "C1'"  1 
ATOM   139 N N1     . DC  A 1 5 ? 7.531   -1.375 3.926   1.00 0.00  ? 5  DC  A N1     1 
ATOM   140 C C2     . DC  A 1 5 ? 6.444   -1.264 4.792   1.00 0.00  ? 5  DC  A C2     1 
ATOM   141 O O2     . DC  A 1 5 ? 6.080   -0.169 5.217   1.00 0.00  ? 5  DC  A O2     1 
ATOM   142 N N3     . DC  A 1 5 ? 5.782   -2.390 5.164   1.00 0.00  ? 5  DC  A N3     1 
ATOM   143 C C4     . DC  A 1 5 ? 6.129   -3.595 4.704   1.00 0.00  ? 5  DC  A C4     1 
ATOM   144 N N4     . DC  A 1 5 ? 5.437   -4.665 5.096   1.00 0.00  ? 5  DC  A N4     1 
ATOM   145 C C5     . DC  A 1 5 ? 7.231   -3.751 3.803   1.00 0.00  ? 5  DC  A C5     1 
ATOM   146 C C6     . DC  A 1 5 ? 7.916   -2.596 3.443   1.00 0.00  ? 5  DC  A C6     1 
ATOM   147 H "H5'"  . DC  A 1 5 ? 8.891   0.918  -0.360  1.00 0.00  ? 5  DC  A "H5'"  1 
ATOM   148 H "H5''" . DC  A 1 5 ? 10.479  1.501  0.071   1.00 0.00  ? 5  DC  A "H5''" 1 
ATOM   149 H "H4'"  . DC  A 1 5 ? 8.641   2.079  1.773   1.00 0.00  ? 5  DC  A "H4'"  1 
ATOM   150 H "H3'"  . DC  A 1 5 ? 11.266  1.180  2.646   1.00 0.00  ? 5  DC  A "H3'"  1 
ATOM   151 H "H2'"  . DC  A 1 5 ? 10.245  -0.995 3.150   1.00 0.00  ? 5  DC  A "H2'"  1 
ATOM   152 H "H2''" . DC  A 1 5 ? 10.079  -0.252 4.756   1.00 0.00  ? 5  DC  A "H2''" 1 
ATOM   153 H "H1'"  . DC  A 1 5 ? 7.747   0.711  4.096   1.00 0.00  ? 5  DC  A "H1'"  1 
ATOM   154 H H41    . DC  A 1 5 ? 4.629   -4.568 5.702   1.00 0.00  ? 5  DC  A H41    1 
ATOM   155 H H42    . DC  A 1 5 ? 5.692   -5.581 4.760   1.00 0.00  ? 5  DC  A H42    1 
ATOM   156 H H5     . DC  A 1 5 ? 7.478   -4.738 3.448   1.00 0.00  ? 5  DC  A H5     1 
ATOM   157 H H6     . DC  A 1 5 ? 8.763   -2.626 2.786   1.00 0.00  ? 5  DC  A H6     1 
ATOM   158 P P      . DA  A 1 6 ? 11.032  3.187  4.565   1.00 0.00  ? 6  DA  A P      1 
ATOM   159 O OP1    . DA  A 1 6 ? 11.603  4.130  3.578   1.00 0.00  ? 6  DA  A OP1    1 
ATOM   160 O OP2    . DA  A 1 6 ? 11.927  2.307  5.351   1.00 0.00  ? 6  DA  A OP2    1 
ATOM   161 O "O5'"  . DA  A 1 6 ? 10.131  4.031  5.616   1.00 0.00  ? 6  DA  A "O5'"  1 
ATOM   162 C "C5'"  . DA  A 1 6 ? 9.088   4.911  5.172   1.00 0.00  ? 6  DA  A "C5'"  1 
ATOM   163 C "C4'"  . DA  A 1 6 ? 7.917   5.049  6.180   1.00 0.00  ? 6  DA  A "C4'"  1 
ATOM   164 O "O4'"  . DA  A 1 6 ? 7.461   3.710  6.437   1.00 0.00  ? 6  DA  A "O4'"  1 
ATOM   165 C "C3'"  . DA  A 1 6 ? 8.278   5.667  7.551   1.00 0.00  ? 6  DA  A "C3'"  1 
ATOM   166 O "O3'"  . DA  A 1 6 ? 7.059   6.022  8.208   1.00 0.00  ? 6  DA  A "O3'"  1 
ATOM   167 C "C2'"  . DA  A 1 6 ? 8.826   4.415  8.241   1.00 0.00  ? 6  DA  A "C2'"  1 
ATOM   168 C "C1'"  . DA  A 1 6 ? 7.811   3.324  7.776   1.00 0.00  ? 6  DA  A "C1'"  1 
ATOM   169 N N9     . DA  A 1 6 ? 8.324   1.931  7.730   1.00 0.00  ? 6  DA  A N9     1 
ATOM   170 C C8     . DA  A 1 6 ? 9.526   1.467  7.254   1.00 0.00  ? 6  DA  A C8     1 
ATOM   171 N N7     . DA  A 1 6 ? 9.640   0.170  7.248   1.00 0.00  ? 6  DA  A N7     1 
ATOM   172 C C5     . DA  A 1 6 ? 8.445   -0.268 7.809   1.00 0.00  ? 6  DA  A C5     1 
ATOM   173 C C6     . DA  A 1 6 ? 7.943   -1.549 8.089   1.00 0.00  ? 6  DA  A C6     1 
ATOM   174 N N6     . DA  A 1 6 ? 8.600   -2.672 7.814   1.00 0.00  ? 6  DA  A N6     1 
ATOM   175 N N1     . DA  A 1 6 ? 6.732   -1.633 8.661   1.00 0.00  ? 6  DA  A N1     1 
ATOM   176 C C2     . DA  A 1 6 ? 6.057   -0.526 8.937   1.00 0.00  ? 6  DA  A C2     1 
ATOM   177 N N3     . DA  A 1 6 ? 6.416   0.734  8.709   1.00 0.00  ? 6  DA  A N3     1 
ATOM   178 C C4     . DA  A 1 6 ? 7.644   0.793  8.133   1.00 0.00  ? 6  DA  A C4     1 
ATOM   179 H "H5'"  . DA  A 1 6 ? 8.759   4.511  4.206   1.00 0.00  ? 6  DA  A "H5'"  1 
ATOM   180 H "H5''" . DA  A 1 6 ? 9.515   5.896  5.040   1.00 0.00  ? 6  DA  A "H5''" 1 
ATOM   181 H "H4'"  . DA  A 1 6 ? 7.045   5.601  5.804   1.00 0.00  ? 6  DA  A "H4'"  1 
ATOM   182 H "H3'"  . DA  A 1 6 ? 8.896   6.590  7.479   1.00 0.00  ? 6  DA  A "H3'"  1 
ATOM   183 H "HO3'" . DA  A 1 6 ? 6.622   6.697  7.682   1.00 0.00  ? 6  DA  A "HO3'" 1 
ATOM   184 H "H2'"  . DA  A 1 6 ? 9.867   4.282  7.896   1.00 0.00  ? 6  DA  A "H2'"  1 
ATOM   185 H "H2''" . DA  A 1 6 ? 8.821   4.466  9.336   1.00 0.00  ? 6  DA  A "H2''" 1 
ATOM   186 H "H1'"  . DA  A 1 6 ? 6.854   3.345  8.312   1.00 0.00  ? 6  DA  A "H1'"  1 
ATOM   187 H H8     . DA  A 1 6 ? 10.333  2.119  6.915   1.00 0.00  ? 6  DA  A H8     1 
ATOM   188 H H61    . DA  A 1 6 ? 8.221   -3.569 8.090   1.00 0.00  ? 6  DA  A H61    1 
ATOM   189 H H62    . DA  A 1 6 ? 9.489   -2.621 7.342   1.00 0.00  ? 6  DA  A H62    1 
ATOM   190 H H2     . DA  A 1 6 ? 5.089   -0.690 9.414   1.00 0.00  ? 6  DA  A H2     1 
ATOM   191 O "O5'"  . DT  B 1 1 ? 2.966   -8.316 10.294  1.00 0.00  ? 7  DT  B "O5'"  1 
ATOM   192 C "C5'"  . DT  B 1 1 ? 2.181   -8.755 11.408  1.00 0.00  ? 7  DT  B "C5'"  1 
ATOM   193 C "C4'"  . DT  B 1 1 ? 1.888   -7.497 12.397  1.00 0.00  ? 7  DT  B "C4'"  1 
ATOM   194 O "O4'"  . DT  B 1 1 ? 3.146   -6.883 12.795  1.00 0.00  ? 7  DT  B "O4'"  1 
ATOM   195 C "C3'"  . DT  B 1 1 ? 1.061   -6.311 11.768  1.00 0.00  ? 7  DT  B "C3'"  1 
ATOM   196 O "O3'"  . DT  B 1 1 ? 0.288   -5.639 12.782  1.00 0.00  ? 7  DT  B "O3'"  1 
ATOM   197 C "C2'"  . DT  B 1 1 ? 2.195   -5.380 11.264  1.00 0.00  ? 7  DT  B "C2'"  1 
ATOM   198 C "C1'"  . DT  B 1 1 ? 3.332   -5.526 12.292  1.00 0.00  ? 7  DT  B "C1'"  1 
ATOM   199 N N1     . DT  B 1 1 ? 4.562   -5.418 11.450  1.00 0.00  ? 7  DT  B N1     1 
ATOM   200 C C2     . DT  B 1 1 ? 4.975   -4.188 10.964  1.00 0.00  ? 7  DT  B C2     1 
ATOM   201 O O2     . DT  B 1 1 ? 4.484   -3.124 11.338  1.00 0.00  ? 7  DT  B O2     1 
ATOM   202 N N3     . DT  B 1 1 ? 5.982   -4.231 10.016  1.00 0.00  ? 7  DT  B N3     1 
ATOM   203 C C4     . DT  B 1 1 ? 6.614   -5.369 9.535   1.00 0.00  ? 7  DT  B C4     1 
ATOM   204 O O4     . DT  B 1 1 ? 7.477   -5.268 8.664   1.00 0.00  ? 7  DT  B O4     1 
ATOM   205 C C5     . DT  B 1 1 ? 6.150   -6.599 10.146  1.00 0.00  ? 7  DT  B C5     1 
ATOM   206 C C7     . DT  B 1 1 ? 6.666   -7.980 9.676   1.00 0.00  ? 7  DT  B C7     1 
ATOM   207 C C6     . DT  B 1 1 ? 5.227   -6.549 11.122  1.00 0.00  ? 7  DT  B C6     1 
ATOM   208 H "H5'"  . DT  B 1 1 ? 2.728   -9.632 11.820  1.00 0.00  ? 7  DT  B "H5'"  1 
ATOM   209 H "H5''" . DT  B 1 1 ? 1.323   -9.258 10.931  1.00 0.00  ? 7  DT  B "H5''" 1 
ATOM   210 H "H4'"  . DT  B 1 1 ? 1.454   -7.720 13.402  1.00 0.00  ? 7  DT  B "H4'"  1 
ATOM   211 H "H3'"  . DT  B 1 1 ? 0.303   -6.649 11.028  1.00 0.00  ? 7  DT  B "H3'"  1 
ATOM   212 H "H2'"  . DT  B 1 1 ? 2.565   -5.734 10.284  1.00 0.00  ? 7  DT  B "H2'"  1 
ATOM   213 H "H2''" . DT  B 1 1 ? 1.986   -4.307 11.164  1.00 0.00  ? 7  DT  B "H2''" 1 
ATOM   214 H "H1'"  . DT  B 1 1 ? 3.347   -4.808 13.140  1.00 0.00  ? 7  DT  B "H1'"  1 
ATOM   215 H H3     . DT  B 1 1 ? 6.279   -3.346 9.629   1.00 0.00  ? 7  DT  B H3     1 
ATOM   216 H H71    . DT  B 1 1 ? 5.836   -8.559 9.264   1.00 0.00  ? 7  DT  B H71    1 
ATOM   217 H H72    . DT  B 1 1 ? 7.085   -8.549 10.506  1.00 0.00  ? 7  DT  B H72    1 
ATOM   218 H H73    . DT  B 1 1 ? 7.419   -7.881 8.894   1.00 0.00  ? 7  DT  B H73    1 
ATOM   219 H H6     . DT  B 1 1 ? 4.957   -7.378 11.722  1.00 0.00  ? 7  DT  B H6     1 
ATOM   220 H "HO5'" . DT  B 1 1 ? 3.049   -9.069 9.706   1.00 0.00  ? 7  DT  B "HO5'" 1 
ATOM   221 P P      . DG  B 1 2 ? -1.154  -4.938 12.506  1.00 0.00  ? 8  DG  B P      1 
ATOM   222 O OP1    . DG  B 1 2 ? -1.861  -4.872 13.804  1.00 0.00  ? 8  DG  B OP1    1 
ATOM   223 O OP2    . DG  B 1 2 ? -1.789  -5.636 11.365  1.00 0.00  ? 8  DG  B OP2    1 
ATOM   224 O "O5'"  . DG  B 1 2 ? -0.798  -3.435 12.033  1.00 0.00  ? 8  DG  B "O5'"  1 
ATOM   225 C "C5'"  . DG  B 1 2 ? -0.407  -2.422 12.971  1.00 0.00  ? 8  DG  B "C5'"  1 
ATOM   226 C "C4'"  . DG  B 1 2 ? -0.486  -0.991 12.408  1.00 0.00  ? 8  DG  B "C4'"  1 
ATOM   227 O "O4'"  . DG  B 1 2 ? 0.395   -0.863 11.284  1.00 0.00  ? 8  DG  B "O4'"  1 
ATOM   228 C "C3'"  . DG  B 1 2 ? -1.888  -0.608 11.906  1.00 0.00  ? 8  DG  B "C3'"  1 
ATOM   229 O "O3'"  . DG  B 1 2 ? -2.157  0.800  11.942  1.00 0.00  ? 8  DG  B "O3'"  1 
ATOM   230 C "C2'"  . DG  B 1 2 ? -1.824  -1.163 10.480  1.00 0.00  ? 8  DG  B "C2'"  1 
ATOM   231 C "C1'"  . DG  B 1 2 ? -0.335  -0.957 10.049  1.00 0.00  ? 8  DG  B "C1'"  1 
ATOM   232 N N9     . DG  B 1 2 ? 0.292   -2.072 9.285   1.00 0.00  ? 8  DG  B N9     1 
ATOM   233 C C8     . DG  B 1 2 ? -0.031  -3.407 9.234   1.00 0.00  ? 8  DG  B C8     1 
ATOM   234 N N7     . DG  B 1 2 ? 0.766   -4.135 8.512   1.00 0.00  ? 8  DG  B N7     1 
ATOM   235 C C5     . DG  B 1 2 ? 1.687   -3.219 8.023   1.00 0.00  ? 8  DG  B C5     1 
ATOM   236 C C6     . DG  B 1 2 ? 2.799   -3.432 7.174   1.00 0.00  ? 8  DG  B C6     1 
ATOM   237 O O6     . DG  B 1 2 ? 3.183   -4.489 6.683   1.00 0.00  ? 8  DG  B O6     1 
ATOM   238 N N1     . DG  B 1 2 ? 3.475   -2.257 6.909   1.00 0.00  ? 8  DG  B N1     1 
ATOM   239 C C2     . DG  B 1 2 ? 3.115   -1.017 7.383   1.00 0.00  ? 8  DG  B C2     1 
ATOM   240 N N2     . DG  B 1 2 ? 3.876   0.001  6.984   1.00 0.00  ? 8  DG  B N2     1 
ATOM   241 N N3     . DG  B 1 2 ? 2.069   -0.807 8.189   1.00 0.00  ? 8  DG  B N3     1 
ATOM   242 C C4     . DG  B 1 2 ? 1.398   -1.953 8.469   1.00 0.00  ? 8  DG  B C4     1 
ATOM   243 H "H5'"  . DG  B 1 2 ? 0.636   -2.570 13.217  1.00 0.00  ? 8  DG  B "H5'"  1 
ATOM   244 H "H5''" . DG  B 1 2 ? -1.015  -2.563 13.863  1.00 0.00  ? 8  DG  B "H5''" 1 
ATOM   245 H "H4'"  . DG  B 1 2 ? -0.099  -0.274 13.144  1.00 0.00  ? 8  DG  B "H4'"  1 
ATOM   246 H "H3'"  . DG  B 1 2 ? -2.673  -1.046 12.540  1.00 0.00  ? 8  DG  B "H3'"  1 
ATOM   247 H "H2'"  . DG  B 1 2 ? -2.100  -2.220 10.607  1.00 0.00  ? 8  DG  B "H2'"  1 
ATOM   248 H "H2''" . DG  B 1 2 ? -2.544  -0.668 9.807   1.00 0.00  ? 8  DG  B "H2''" 1 
ATOM   249 H "H1'"  . DG  B 1 2 ? -0.118  -0.025 9.510   1.00 0.00  ? 8  DG  B "H1'"  1 
ATOM   250 H H8     . DG  B 1 2 ? -0.882  -3.849 9.746   1.00 0.00  ? 8  DG  B H8     1 
ATOM   251 H H1     . DG  B 1 2 ? 4.299   -2.322 6.324   1.00 0.00  ? 8  DG  B H1     1 
ATOM   252 H H21    . DG  B 1 2 ? 4.645   -0.170 6.348   1.00 0.00  ? 8  DG  B H21    1 
ATOM   253 H H22    . DG  B 1 2 ? 3.688   0.939  7.305   1.00 0.00  ? 8  DG  B H22    1 
ATOM   254 P P      . DT  B 1 3 ? -3.548  1.347  11.324  1.00 0.00  ? 9  DT  B P      1 
ATOM   255 O OP1    . DT  B 1 3 ? -3.880  2.633  11.977  1.00 0.00  ? 9  DT  B OP1    1 
ATOM   256 O OP2    . DT  B 1 3 ? -4.521  0.229  11.344  1.00 0.00  ? 9  DT  B OP2    1 
ATOM   257 O "O5'"  . DT  B 1 3 ? -3.129  1.626  9.788   1.00 16.94 ? 9  DT  B "O5'"  1 
ATOM   258 C "C5'"  . DT  B 1 3 ? -2.331  2.776  9.477   1.00 16.78 ? 9  DT  B "C5'"  1 
ATOM   259 C "C4'"  . DT  B 1 3 ? -1.689  2.763  8.084   1.00 16.73 ? 9  DT  B "C4'"  1 
ATOM   260 O "O4'"  . DT  B 1 3 ? -0.963  1.543  7.881   1.00 16.16 ? 9  DT  B "O4'"  1 
ATOM   261 C "C3'"  . DT  B 1 3 ? -2.730  2.796  6.981   1.00 17.81 ? 9  DT  B "C3'"  1 
ATOM   262 O "O3'"  . DT  B 1 3 ? -2.993  4.169  6.599   1.00 20.33 ? 9  DT  B "O3'"  1 
ATOM   263 C "C2'"  . DT  B 1 3 ? -2.117  1.944  5.864   1.00 16.61 ? 9  DT  B "C2'"  1 
ATOM   264 C "C1'"  . DT  B 1 3 ? -0.816  1.384  6.461   1.00 14.94 ? 9  DT  B "C1'"  1 
ATOM   265 N N1     . DT  B 1 3 ? -0.632  -0.051 6.162   1.00 0.00  ? 9  DT  B N1     1 
ATOM   266 C C2     . DT  B 1 3 ? 0.461   -0.459 5.410   1.00 0.00  ? 9  DT  B C2     1 
ATOM   267 O O2     . DT  B 1 3 ? 1.304   0.311  4.953   1.00 0.00  ? 9  DT  B O2     1 
ATOM   268 N N3     . DT  B 1 3 ? 0.570   -1.819 5.188   1.00 0.00  ? 9  DT  B N3     1 
ATOM   269 C C4     . DT  B 1 3 ? -0.305  -2.792 5.631   1.00 0.00  ? 9  DT  B C4     1 
ATOM   270 O O4     . DT  B 1 3 ? -0.088  -3.977 5.368   1.00 0.00  ? 9  DT  B O4     1 
ATOM   271 C C5     . DT  B 1 3 ? -1.430  -2.269 6.394   1.00 0.00  ? 9  DT  B C5     1 
ATOM   272 C C7     . DT  B 1 3 ? -2.503  -3.224 6.926   1.00 0.00  ? 9  DT  B C7     1 
ATOM   273 C C6     . DT  B 1 3 ? -1.540  -0.944 6.637   1.00 0.00  ? 9  DT  B C6     1 
ATOM   274 H "H5'"  . DT  B 1 3 ? -1.561  2.887  10.230  1.00 0.00  ? 9  DT  B "H5'"  1 
ATOM   275 H "H5''" . DT  B 1 3 ? -2.992  3.632  9.536   1.00 0.00  ? 9  DT  B "H5''" 1 
ATOM   276 H "H4'"  . DT  B 1 3 ? -1.050  3.634  7.975   1.00 0.00  ? 9  DT  B "H4'"  1 
ATOM   277 H "H3'"  . DT  B 1 3 ? -3.539  2.250  7.468   1.00 0.00  ? 9  DT  B "H3'"  1 
ATOM   278 H "H2'"  . DT  B 1 3 ? -2.838  1.152  5.625   1.00 0.00  ? 9  DT  B "H2'"  1 
ATOM   279 H "H2''" . DT  B 1 3 ? -1.921  2.485  4.935   1.00 0.00  ? 9  DT  B "H2''" 1 
ATOM   280 H "H1'"  . DT  B 1 3 ? 0.045   1.939  6.107   1.00 0.00  ? 9  DT  B "H1'"  1 
ATOM   281 H H3     . DT  B 1 3 ? 1.366   -2.131 4.650   1.00 0.00  ? 9  DT  B H3     1 
ATOM   282 H H71    . DT  B 1 3 ? -3.472  -2.964 6.499   1.00 0.00  ? 9  DT  B H71    1 
ATOM   283 H H72    . DT  B 1 3 ? -2.558  -3.153 8.011   1.00 0.00  ? 9  DT  B H72    1 
ATOM   284 H H73    . DT  B 1 3 ? -2.258  -4.250 6.646   1.00 0.00  ? 9  DT  B H73    1 
ATOM   285 H H6     . DT  B 1 3 ? -2.330  -0.488 7.214   1.00 0.00  ? 9  DT  B H6     1 
ATOM   286 P P      . DA  B 1 4 ? -3.752  4.674  5.254   1.00 22.18 ? 10 DA  B P      1 
ATOM   287 O OP1    . DA  B 1 4 ? -4.097  6.105  5.409   1.00 21.41 ? 10 DA  B OP1    1 
ATOM   288 O OP2    . DA  B 1 4 ? -4.814  3.694  4.931   1.00 21.90 ? 10 DA  B OP2    1 
ATOM   289 O "O5'"  . DA  B 1 4 ? -2.618  4.558  4.100   1.00 21.07 ? 10 DA  B "O5'"  1 
ATOM   290 C "C5'"  . DA  B 1 4 ? -1.496  5.451  4.041   1.00 20.80 ? 10 DA  B "C5'"  1 
ATOM   291 C "C4'"  . DA  B 1 4 ? -1.296  6.179  2.706   1.00 20.67 ? 10 DA  B "C4'"  1 
ATOM   292 O "O4'"  . DA  B 1 4 ? -1.042  5.306  1.611   1.00 20.52 ? 10 DA  B "O4'"  1 
ATOM   293 C "C3'"  . DA  B 1 4 ? -2.411  7.111  2.244   1.00 20.84 ? 10 DA  B "C3'"  1 
ATOM   294 O "O3'"  . DA  B 1 4 ? -1.883  8.258  1.559   1.00 22.03 ? 10 DA  B "O3'"  1 
ATOM   295 C "C2'"  . DA  B 1 4 ? -3.248  6.217  1.363   1.00 20.24 ? 10 DA  B "C2'"  1 
ATOM   296 C "C1'"  . DA  B 1 4 ? -2.265  5.136  0.885   1.00 19.47 ? 10 DA  B "C1'"  1 
ATOM   297 N N9     . DA  B 1 4 ? -2.689  3.737  1.065   1.00 0.00  ? 10 DA  B N9     1 
ATOM   298 C C8     . DA  B 1 4 ? -3.599  3.182  1.929   1.00 0.00  ? 10 DA  B C8     1 
ATOM   299 N N7     . DA  B 1 4 ? -3.809  1.915  1.750   1.00 0.00  ? 10 DA  B N7     1 
ATOM   300 C C5     . DA  B 1 4 ? -2.927  1.594  0.730   1.00 0.00  ? 10 DA  B C5     1 
ATOM   301 C C6     . DA  B 1 4 ? -2.669  0.401  0.083   1.00 0.00  ? 10 DA  B C6     1 
ATOM   302 N N6     . DA  B 1 4 ? -3.372  -0.689 0.381   1.00 0.00  ? 10 DA  B N6     1 
ATOM   303 N N1     . DA  B 1 4 ? -1.707  0.398  -0.855  1.00 0.00  ? 10 DA  B N1     1 
ATOM   304 C C2     . DA  B 1 4 ? -1.069  1.528  -1.157  1.00 0.00  ? 10 DA  B C2     1 
ATOM   305 N N3     . DA  B 1 4 ? -1.257  2.730  -0.630  1.00 0.00  ? 10 DA  B N3     1 
ATOM   306 C C4     . DA  B 1 4 ? -2.216  2.686  0.326   1.00 0.00  ? 10 DA  B C4     1 
ATOM   307 H "H5'"  . DA  B 1 4 ? -0.582  4.917  4.295   1.00 0.00  ? 10 DA  B "H5'"  1 
ATOM   308 H "H5''" . DA  B 1 4 ? -1.637  6.224  4.775   1.00 0.00  ? 10 DA  B "H5''" 1 
ATOM   309 H "H4'"  . DA  B 1 4 ? -0.408  6.782  2.818   1.00 0.00  ? 10 DA  B "H4'"  1 
ATOM   310 H "H3'"  . DA  B 1 4 ? -2.962  7.476  3.102   1.00 0.00  ? 10 DA  B "H3'"  1 
ATOM   311 H "H2'"  . DA  B 1 4 ? -4.086  5.873  1.961   1.00 0.00  ? 10 DA  B "H2'"  1 
ATOM   312 H "H2''" . DA  B 1 4 ? -3.656  6.775  0.514   1.00 0.00  ? 10 DA  B "H2''" 1 
ATOM   313 H "H1'"  . DA  B 1 4 ? -2.064  5.286  -0.177  1.00 0.00  ? 10 DA  B "H1'"  1 
ATOM   314 H H8     . DA  B 1 4 ? -4.093  3.744  2.720   1.00 0.00  ? 10 DA  B H8     1 
ATOM   315 H H61    . DA  B 1 4 ? -3.139  -1.604 0.016   1.00 0.00  ? 10 DA  B H61    1 
ATOM   316 H H62    . DA  B 1 4 ? -4.136  -0.606 1.037   1.00 0.00  ? 10 DA  B H62    1 
ATOM   317 H H2     . DA  B 1 4 ? -0.293  1.472  -1.929  1.00 0.00  ? 10 DA  B H2     1 
ATOM   318 P P      . DC  B 1 5 ? -2.854  9.291  0.778   1.00 23.04 ? 11 DC  B P      1 
ATOM   319 O OP1    . DC  B 1 5 ? -2.082  10.507 0.434   1.00 23.07 ? 11 DC  B OP1    1 
ATOM   320 O OP2    . DC  B 1 5 ? -4.118  9.402  1.541   1.00 22.88 ? 11 DC  B OP2    1 
ATOM   321 O "O5'"  . DC  B 1 5 ? -3.148  8.439  -0.559  1.00 22.36 ? 11 DC  B "O5'"  1 
ATOM   322 C "C5'"  . DC  B 1 5 ? -2.079  8.142  -1.459  1.00 21.97 ? 11 DC  B "C5'"  1 
ATOM   323 C "C4'"  . DC  B 1 5 ? -2.398  7.000  -2.431  1.00 21.61 ? 11 DC  B "C4'"  1 
ATOM   324 O "O4'"  . DC  B 1 5 ? -2.669  5.744  -1.787  1.00 21.04 ? 11 DC  B "O4'"  1 
ATOM   325 C "C3'"  . DC  B 1 5 ? -3.599  7.341  -3.293  1.00 21.59 ? 11 DC  B "C3'"  1 
ATOM   326 O "O3'"  . DC  B 1 5 ? -3.362  7.428  -4.697  1.00 22.02 ? 11 DC  B "O3'"  1 
ATOM   327 C "C2'"  . DC  B 1 5 ? -4.544  6.227  -2.970  1.00 21.19 ? 11 DC  B "C2'"  1 
ATOM   328 C "C1'"  . DC  B 1 5 ? -3.641  5.075  -2.596  1.00 20.15 ? 11 DC  B "C1'"  1 
ATOM   329 N N1     . DC  B 1 5 ? -4.302  3.925  -1.934  1.00 19.24 ? 11 DC  B N1     1 
ATOM   330 C C2     . DC  B 1 5 ? -4.059  2.626  -2.387  1.00 18.87 ? 11 DC  B C2     1 
ATOM   331 O O2     . DC  B 1 5 ? -3.243  2.403  -3.277  1.00 18.85 ? 11 DC  B O2     1 
ATOM   332 N N3     . DC  B 1 5 ? -4.744  1.592  -1.823  1.00 18.76 ? 11 DC  B N3     1 
ATOM   333 C C4     . DC  B 1 5 ? -5.633  1.798  -0.846  1.00 18.72 ? 11 DC  B C4     1 
ATOM   334 N N4     . DC  B 1 5 ? -6.320  0.761  -0.354  1.00 19.29 ? 11 DC  B N4     1 
ATOM   335 C C5     . DC  B 1 5 ? -5.858  3.112  -0.332  1.00 18.66 ? 11 DC  B C5     1 
ATOM   336 C C6     . DC  B 1 5 ? -5.146  4.149  -0.903  1.00 18.97 ? 11 DC  B C6     1 
ATOM   337 H "H5'"  . DC  B 1 5 ? -1.153  7.988  -0.898  1.00 0.00  ? 11 DC  B "H5'"  1 
ATOM   338 H "H5''" . DC  B 1 5 ? -1.989  9.023  -2.077  1.00 0.00  ? 11 DC  B "H5''" 1 
ATOM   339 H "H4'"  . DC  B 1 5 ? -1.614  6.847  -3.146  1.00 0.00  ? 11 DC  B "H4'"  1 
ATOM   340 H "H3'"  . DC  B 1 5 ? -3.915  8.311  -2.946  1.00 0.00  ? 11 DC  B "H3'"  1 
ATOM   341 H "H2'"  . DC  B 1 5 ? -5.077  6.546  -2.097  1.00 0.00  ? 11 DC  B "H2'"  1 
ATOM   342 H "H2''" . DC  B 1 5 ? -5.248  6.007  -3.766  1.00 0.00  ? 11 DC  B "H2''" 1 
ATOM   343 H "H1'"  . DC  B 1 5 ? -3.198  4.726  -3.503  1.00 0.00  ? 11 DC  B "H1'"  1 
ATOM   344 H H41    . DC  B 1 5 ? -6.183  -0.174 -0.710  1.00 0.00  ? 11 DC  B H41    1 
ATOM   345 H H42    . DC  B 1 5 ? -7.015  0.915  0.365   1.00 0.00  ? 11 DC  B H42    1 
ATOM   346 H H5     . DC  B 1 5 ? -6.548  3.288  0.457   1.00 0.00  ? 11 DC  B H5     1 
ATOM   347 H H6     . DC  B 1 5 ? -5.228  5.156  -0.547  1.00 0.00  ? 11 DC  B H6     1 
ATOM   348 P P      . DA  B 1 6 ? -4.162  8.561  -5.525  1.00 21.87 ? 12 DA  B P      1 
ATOM   349 O OP1    . DA  B 1 6 ? -3.503  9.860  -5.261  1.00 20.77 ? 12 DA  B OP1    1 
ATOM   350 O OP2    . DA  B 1 6 ? -5.609  8.395  -5.262  1.00 21.95 ? 12 DA  B OP2    1 
ATOM   351 O "O5'"  . DA  B 1 6 ? -3.884  8.109  -7.036  1.00 20.28 ? 12 DA  B "O5'"  1 
ATOM   352 C "C5'"  . DA  B 1 6 ? -2.533  7.954  -7.454  1.00 19.38 ? 12 DA  B "C5'"  1 
ATOM   353 C "C4'"  . DA  B 1 6 ? -2.375  7.143  -8.765  1.00 19.13 ? 12 DA  B "C4'"  1 
ATOM   354 O "O4'"  . DA  B 1 6 ? -3.035  5.883  -8.529  1.00 18.12 ? 12 DA  B "O4'"  1 
ATOM   355 C "C3'"  . DA  B 1 6 ? -3.040  7.757  -9.999  1.00 19.23 ? 12 DA  B "C3'"  1 
ATOM   356 O "O3'"  . DA  B 1 6 ? -2.612  7.077  -11.183 1.00 19.95 ? 12 DA  B "O3'"  1 
ATOM   357 C "C2'"  . DA  B 1 6 ? -4.434  7.347  -9.650  1.00 18.09 ? 12 DA  B "C2'"  1 
ATOM   358 C "C1'"  . DA  B 1 6 ? -4.294  5.893  -9.223  1.00 17.35 ? 12 DA  B "C1'"  1 
ATOM   359 N N9     . DA  B 1 6 ? -5.445  5.448  -8.395  1.00 0.00  ? 12 DA  B N9     1 
ATOM   360 C C8     . DA  B 1 6 ? -6.064  6.105  -7.365  1.00 0.00  ? 12 DA  B C8     1 
ATOM   361 N N7     . DA  B 1 6 ? -7.037  5.456  -6.798  1.00 0.00  ? 12 DA  B N7     1 
ATOM   362 C C5     . DA  B 1 6 ? -7.092  4.280  -7.530  1.00 0.00  ? 12 DA  B C5     1 
ATOM   363 C C6     . DA  B 1 6 ? -7.909  3.154  -7.425  1.00 0.00  ? 12 DA  B C6     1 
ATOM   364 N N6     . DA  B 1 6 ? -8.873  3.054  -6.513  1.00 0.00  ? 12 DA  B N6     1 
ATOM   365 N N1     . DA  B 1 6 ? -7.696  2.152  -8.290  1.00 0.00  ? 12 DA  B N1     1 
ATOM   366 C C2     . DA  B 1 6 ? -6.748  2.273  -9.208  1.00 0.00  ? 12 DA  B C2     1 
ATOM   367 N N3     . DA  B 1 6 ? -5.896  3.271  -9.394  1.00 0.00  ? 12 DA  B N3     1 
ATOM   368 C C4     . DA  B 1 6 ? -6.129  4.261  -8.503  1.00 0.00  ? 12 DA  B C4     1 
ATOM   369 H "H5'"  . DA  B 1 6 ? -2.052  7.418  -6.647  1.00 0.00  ? 12 DA  B "H5'"  1 
ATOM   370 H "H5''" . DA  B 1 6 ? -2.162  8.969  -7.484  1.00 0.00  ? 12 DA  B "H5''" 1 
ATOM   371 H "H4'"  . DA  B 1 6 ? -1.353  6.913  -9.051  1.00 0.00  ? 12 DA  B "H4'"  1 
ATOM   372 H "H3'"  . DA  B 1 6 ? -2.872  8.837  -10.113 1.00 0.00  ? 12 DA  B "H3'"  1 
ATOM   373 H "HO3'" . DA  B 1 6 ? -1.670  7.228  -11.295 1.00 0.00  ? 12 DA  B "HO3'" 1 
ATOM   374 H "H2'"  . DA  B 1 6 ? -4.665  7.949  -8.769  1.00 0.00  ? 12 DA  B "H2'"  1 
ATOM   375 H "H2''" . DA  B 1 6 ? -5.167  7.475  -10.435 1.00 0.00  ? 12 DA  B "H2''" 1 
ATOM   376 H "H1'"  . DA  B 1 6 ? -4.156  5.263  -10.096 1.00 0.00  ? 12 DA  B "H1'"  1 
ATOM   377 H H8     . DA  B 1 6 ? -5.770  7.097  -7.047  1.00 0.00  ? 12 DA  B H8     1 
ATOM   378 H H61    . DA  B 1 6 ? -9.268  2.144  -6.312  1.00 0.00  ? 12 DA  B H61    1 
ATOM   379 H H62    . DA  B 1 6 ? -9.123  3.856  -5.950  1.00 0.00  ? 12 DA  B H62    1 
ATOM   380 H H2     . DA  B 1 6 ? -6.668  1.444  -9.904  1.00 0.00  ? 12 DA  B H2     1 
HETATM 381 C C1     . BNR C 2 . ? -9.386  1.295  -1.271  1.00 13.96 ? 13 BNR B C1     1 
HETATM 382 C C2     . BNR C 2 . ? -10.063 2.264  -0.547  1.00 13.97 ? 13 BNR B C2     1 
HETATM 383 C C3     . BNR C 2 . ? -9.856  3.607  -0.822  1.00 14.21 ? 13 BNR B C3     1 
HETATM 384 C C4     . BNR C 2 . ? -8.939  3.988  -1.800  1.00 14.38 ? 13 BNR B C4     1 
HETATM 385 O O4     . BNR C 2 . ? -8.642  5.301  -1.888  1.00 14.83 ? 13 BNR B O4     1 
HETATM 386 C C5     . BNR C 2 . ? -8.297  3.009  -2.579  1.00 14.09 ? 13 BNR B C5     1 
HETATM 387 C C6     . BNR C 2 . ? -7.310  3.381  -3.617  1.00 14.06 ? 13 BNR B C6     1 
HETATM 388 O O6     . BNR C 2 . ? -7.062  4.576  -3.837  1.00 14.37 ? 13 BNR B O6     1 
HETATM 389 C C7     . BNR C 2 . ? -6.559  2.331  -4.352  1.00 14.05 ? 13 BNR B C7     1 
HETATM 390 C C8     . BNR C 2 . ? -5.533  2.680  -5.236  1.00 14.13 ? 13 BNR B C8     1 
HETATM 391 O O8     . BNR C 2 . ? -5.043  4.021  -5.310  1.00 14.33 ? 13 BNR B O8     1 
HETATM 392 C C9     . BNR C 2 . ? -4.845  1.702  -5.952  1.00 14.51 ? 13 BNR B C9     1 
HETATM 393 C C10    . BNR C 2 . ? -3.727  2.136  -6.919  1.00 14.89 ? 13 BNR B C10    1 
HETATM 394 O O10    . BNR C 2 . ? -2.595  2.648  -6.199  1.00 15.61 ? 13 BNR B O10    1 
HETATM 395 C C11    . BNR C 2 . ? -3.176  1.057  -7.877  1.00 14.96 ? 13 BNR B C11    1 
HETATM 396 C C12    . BNR C 2 . ? -3.096  -0.320 -7.183  1.00 15.08 ? 13 BNR B C12    1 
HETATM 397 O O12    . BNR C 2 . ? -2.110  -0.340 -6.148  1.00 15.12 ? 13 BNR B O12    1 
HETATM 398 C C13    . BNR C 2 . ? -2.682  -1.337 -8.256  1.00 15.57 ? 13 BNR B C13    1 
HETATM 399 O O13    . BNR C 2 . ? -3.515  -1.720 -9.093  1.00 15.81 ? 13 BNR B O13    1 
HETATM 400 C C14    . BNR C 2 . ? -1.221  -1.731 -8.417  1.00 16.02 ? 13 BNR B C14    1 
HETATM 401 C C15    . BNR C 2 . ? -4.489  -0.727 -6.639  1.00 14.78 ? 13 BNR B C15    1 
HETATM 402 C C16    . BNR C 2 . ? -5.174  0.358  -5.783  1.00 14.30 ? 13 BNR B C16    1 
HETATM 403 C C17    . BNR C 2 . ? -6.136  -0.002 -4.836  1.00 14.14 ? 13 BNR B C17    1 
HETATM 404 O O17    . BNR C 2 . ? -6.412  -1.392 -4.644  1.00 13.84 ? 13 BNR B O17    1 
HETATM 405 C C18    . BNR C 2 . ? -6.831  0.982  -4.117  1.00 13.96 ? 13 BNR B C18    1 
HETATM 406 C C19    . BNR C 2 . ? -7.801  0.608  -3.061  1.00 13.96 ? 13 BNR B C19    1 
HETATM 407 O O19    . BNR C 2 . ? -7.948  -0.583 -2.748  1.00 14.10 ? 13 BNR B O19    1 
HETATM 408 C C20    . BNR C 2 . ? -8.528  1.655  -2.310  1.00 14.01 ? 13 BNR B C20    1 
HETATM 409 C C21    . BNR C 2 . ? -8.177  5.991  -0.713  1.00 14.73 ? 13 BNR B C21    1 
HETATM 410 C "C1'"  . BNR C 2 . ? -1.898  3.718  -6.861  1.00 16.46 ? 13 BNR B "C1'"  1 
HETATM 411 C "C2'"  . BNR C 2 . ? -0.892  4.376  -5.905  1.00 16.95 ? 13 BNR B "C2'"  1 
HETATM 412 C "C3'"  . BNR C 2 . ? 0.474   3.722  -6.047  1.00 17.47 ? 13 BNR B "C3'"  1 
HETATM 413 O "O3'"  . BNR C 2 . ? 1.465   4.337  -5.225  1.00 17.99 ? 13 BNR B "O3'"  1 
HETATM 414 C "C4'"  . BNR C 2 . ? 0.897   3.727  -7.506  1.00 17.21 ? 13 BNR B "C4'"  1 
HETATM 415 N "N4'"  . BNR C 2 . ? 1.072   5.083  -8.032  1.00 17.28 ? 13 BNR B "N4'"  1 
HETATM 416 C "C5'"  . BNR C 2 . ? -0.065  2.868  -8.319  1.00 17.08 ? 13 BNR B "C5'"  1 
HETATM 417 O "O5'"  . BNR C 2 . ? -1.392  3.428  -8.196  1.00 16.74 ? 13 BNR B "O5'"  1 
HETATM 418 C "C6'"  . BNR C 2 . ? 0.370   2.793  -9.810  1.00 16.96 ? 13 BNR B "C6'"  1 
HETATM 419 C "C7'"  . BNR C 2 . ? 2.361   5.278  -8.674  1.00 20.00 ? 13 BNR B "C7'"  1 
HETATM 420 C "C8'"  . BNR C 2 . ? 3.474   4.786  -7.795  1.00 20.00 ? 13 BNR B "C8'"  1 
HETATM 421 C C1B    . BNR C 2 . ? -3.110  -2.868 3.255   1.00 13.96 ? 13 BNR B C1B    1 
HETATM 422 C C2B    . BNR C 2 . ? -3.386  -4.222 3.061   1.00 13.97 ? 13 BNR B C2B    1 
HETATM 423 C C3B    . BNR C 2 . ? -2.408  -5.062 2.543   1.00 14.21 ? 13 BNR B C3B    1 
HETATM 424 C C4B    . BNR C 2 . ? -1.164  -4.547 2.198   1.00 14.38 ? 13 BNR B C4B    1 
HETATM 425 O "O4'"  . BNR C 2 . ? -0.137  -5.402 2.047   1.00 14.83 ? 13 BNR B "O4'"  1 
HETATM 426 C C5B    . BNR C 2 . ? -0.953  -3.164 2.221   1.00 14.09 ? 13 BNR B C5B    1 
HETATM 427 C C6B    . BNR C 2 . ? 0.215   -2.574 1.545   1.00 14.06 ? 13 BNR B C6B    1 
HETATM 428 O "O6'"  . BNR C 2 . ? 0.955   -3.294 0.861   1.00 14.37 ? 13 BNR B "O6'"  1 
HETATM 429 C C7B    . BNR C 2 . ? 0.468   -1.118 1.634   1.00 14.05 ? 13 BNR B C7B    1 
HETATM 430 C C8B    . BNR C 2 . ? 1.582   -0.571 1.008   1.00 14.13 ? 13 BNR B C8B    1 
HETATM 431 O "O8'"  . BNR C 2 . ? 2.380   -1.356 0.121   1.00 14.33 ? 13 BNR B "O8'"  1 
HETATM 432 C "C9'"  . BNR C 2 . ? 1.824   0.796  1.062   1.00 14.51 ? 13 BNR B "C9'"  1 
HETATM 433 C "CA'"  . BNR C 2 . ? 3.122   1.321  0.442   1.00 14.89 ? 13 BNR B "CA'"  1 
HETATM 434 O "OA'"  . BNR C 2 . ? 2.958   1.141  -0.992  1.00 15.61 ? 13 BNR B "OA'"  1 
HETATM 435 C "CB'"  . BNR C 2 . ? 3.420   2.810  0.821   1.00 14.96 ? 13 BNR B "CB'"  1 
HETATM 436 C "CC'"  . BNR C 2 . ? 2.122   3.621  0.536   1.00 15.08 ? 13 BNR B "CC'"  1 
HETATM 437 O "OC'"  . BNR C 2 . ? 1.622   3.303  -0.769  1.00 15.12 ? 13 BNR B "OC'"  1 
HETATM 438 C "CD'"  . BNR C 2 . ? 2.360   5.136  0.522   1.00 15.57 ? 13 BNR B "CD'"  1 
HETATM 439 O "OD'"  . BNR C 2 . ? 2.939   5.681  1.473   1.00 15.81 ? 13 BNR B "OD'"  1 
HETATM 440 C "CE'"  . BNR C 2 . ? 2.034   5.947  -0.751  1.00 16.02 ? 13 BNR B "CE'"  1 
HETATM 441 C "CF'"  . BNR C 2 . ? 1.066   3.199  1.593   1.00 14.78 ? 13 BNR B "CF'"  1 
HETATM 442 C "CG'"  . BNR C 2 . ? 0.892   1.651  1.666   1.00 14.30 ? 13 BNR B "CG'"  1 
HETATM 443 C "CH'"  . BNR C 2 . ? -0.205  1.103  2.333   1.00 14.14 ? 13 BNR B "CH'"  1 
HETATM 444 O "OH'"  . BNR C 2 . ? -1.012  1.979  3.128   1.00 13.84 ? 13 BNR B "OH'"  1 
HETATM 445 C "CI'"  . BNR C 2 . ? -0.427  -0.284 2.309   1.00 13.96 ? 13 BNR B "CI'"  1 
HETATM 446 C "CJ'"  . BNR C 2 . ? -1.652  -0.871 2.901   1.00 13.96 ? 13 BNR B "CJ'"  1 
HETATM 447 O "OJ'"  . BNR C 2 . ? -2.491  -0.136 3.442   1.00 14.10 ? 13 BNR B "OJ'"  1 
HETATM 448 C "CK'"  . BNR C 2 . ? -1.903  -2.327 2.809   1.00 14.01 ? 13 BNR B "CK'"  1 
HETATM 449 C "CL'"  . BNR C 2 . ? -0.175  -6.381 1.006   1.00 14.73 ? 13 BNR B "CL'"  1 
HETATM 450 C C1D    . BNR C 2 . ? 4.071   0.641  -1.761  1.00 16.46 ? 13 BNR B C1D    1 
HETATM 451 C C2D    . BNR C 2 . ? 3.696   0.383  -3.251  1.00 16.95 ? 13 BNR B C2D    1 
HETATM 452 C C3D    . BNR C 2 . ? 3.509   1.744  -3.929  1.00 17.47 ? 13 BNR B C3D    1 
HETATM 453 O O3D    . BNR C 2 . ? 3.172   1.671  -5.316  1.00 17.99 ? 13 BNR B O3D    1 
HETATM 454 C C4D    . BNR C 2 . ? 4.749   2.630  -3.718  1.00 17.21 ? 13 BNR B C4D    1 
HETATM 455 N N4D    . BNR C 2 . ? 5.942   2.208  -4.459  1.00 17.28 ? 13 BNR B N4D    1 
HETATM 456 C C5D    . BNR C 2 . ? 4.996   2.838  -2.227  1.00 17.08 ? 13 BNR B C5D    1 
HETATM 457 O O5D    . BNR C 2 . ? 5.203   1.540  -1.621  1.00 16.74 ? 13 BNR B O5D    1 
HETATM 458 C C6D    . BNR C 2 . ? 6.198   3.803  -1.970  1.00 16.96 ? 13 BNR B C6D    1 
HETATM 459 C C7D    . BNR C 2 . ? 6.537   3.300  -5.238  1.00 20.00 ? 13 BNR B C7D    1 
HETATM 460 C C8D    . BNR C 2 . ? 5.486   3.865  -6.154  1.00 20.00 ? 13 BNR B C8D    1 
HETATM 461 C C9A    . BNR C 2 . ? 4.126   3.601  -8.108  1.00 20.00 ? 13 BNR B C9A    1 
HETATM 462 C C9B    . BNR C 2 . ? 3.764   5.460  -6.618  1.00 20.00 ? 13 BNR B C9B    1 
HETATM 463 C C1A    . BNR C 2 . ? 5.050   3.094  -7.214  1.00 20.00 ? 13 BNR B C1A    1 
HETATM 464 C C1C    . BNR C 2 . ? 4.861   5.075  -5.862  1.00 20.00 ? 13 BNR B C1C    1 
HETATM 465 H H1     . BNR C 2 . ? -9.528  0.273  -1.013  1.00 0.00  ? 13 BNR B H1     1 
HETATM 466 H H2     . BNR C 2 . ? -10.744 1.985  0.227   1.00 0.00  ? 13 BNR B H2     1 
HETATM 467 H H3     . BNR C 2 . ? -10.409 4.341  -0.274  1.00 0.00  ? 13 BNR B H3     1 
HETATM 468 H HO8    . BNR C 2 . ? -5.719  4.532  -5.761  1.00 0.00  ? 13 BNR B HO8    1 
HETATM 469 H H10    . BNR C 2 . ? -4.196  2.961  -7.459  1.00 0.00  ? 13 BNR B H10    1 
HETATM 470 H H111   . BNR C 2 . ? -3.667  1.020  -8.849  1.00 0.00  ? 13 BNR B H111   1 
HETATM 471 H H112   . BNR C 2 . ? -2.157  1.369  -8.114  1.00 0.00  ? 13 BNR B H112   1 
HETATM 472 H H12    . BNR C 2 . ? -2.366  -1.026 -5.526  1.00 0.00  ? 13 BNR B H12    1 
HETATM 473 H H141   . BNR C 2 . ? -0.860  -2.161 -7.483  1.00 0.00  ? 13 BNR B H141   1 
HETATM 474 H H142   . BNR C 2 . ? -0.636  -0.846 -8.669  1.00 0.00  ? 13 BNR B H142   1 
HETATM 475 H H143   . BNR C 2 . ? -1.138  -2.462 -9.220  1.00 0.00  ? 13 BNR B H143   1 
HETATM 476 H H151   . BNR C 2 . ? -5.124  -0.899 -7.516  1.00 0.00  ? 13 BNR B H151   1 
HETATM 477 H H152   . BNR C 2 . ? -4.424  -1.643 -6.039  1.00 0.00  ? 13 BNR B H152   1 
HETATM 478 H H17    . BNR C 2 . ? -6.398  -1.568 -3.703  1.00 0.00  ? 13 BNR B H17    1 
HETATM 479 H H211   . BNR C 2 . ? -7.311  5.482  -0.293  1.00 0.00  ? 13 BNR B H211   1 
HETATM 480 H H212   . BNR C 2 . ? -8.958  6.021  0.047   1.00 0.00  ? 13 BNR B H212   1 
HETATM 481 H H213   . BNR C 2 . ? -7.897  7.008  -0.979  1.00 0.00  ? 13 BNR B H213   1 
HETATM 482 H "H1'"  . BNR C 2 . ? -2.651  4.468  -7.028  1.00 0.00  ? 13 BNR B "H1'"  1 
HETATM 483 H "H2'1" . BNR C 2 . ? -1.178  4.138  -4.894  1.00 0.00  ? 13 BNR B "H2'1" 1 
HETATM 484 H "H2'2" . BNR C 2 . ? -0.905  5.468  -6.000  1.00 0.00  ? 13 BNR B "H2'2" 1 
HETATM 485 H "H3'"  . BNR C 2 . ? 0.436   2.678  -5.741  1.00 0.00  ? 13 BNR B "H3'"  1 
HETATM 486 H "HO3'" . BNR C 2 . ? 2.132   3.663  -5.105  1.00 0.00  ? 13 BNR B "HO3'" 1 
HETATM 487 H "H4'"  . BNR C 2 . ? 1.822   3.183  -7.543  1.00 0.00  ? 13 BNR B "H4'"  1 
HETATM 488 H "HN'1" . BNR C 2 . ? 1.024   5.770  -7.251  1.00 0.00  ? 13 BNR B "HN'1" 1 
HETATM 489 H "HN'2" . BNR C 2 . ? 0.309   5.319  -8.698  1.00 0.00  ? 13 BNR B "HN'2" 1 
HETATM 490 H "H5'"  . BNR C 2 . ? -0.003  1.867  -7.859  1.00 0.00  ? 13 BNR B "H5'"  1 
HETATM 491 H "H6'1" . BNR C 2 . ? 0.337   3.780  -10.279 1.00 0.00  ? 13 BNR B "H6'1" 1 
HETATM 492 H "H6'2" . BNR C 2 . ? -0.282  2.135  -10.384 1.00 0.00  ? 13 BNR B "H6'2" 1 
HETATM 493 H "H6'3" . BNR C 2 . ? 1.395   2.427  -9.903  1.00 0.00  ? 13 BNR B "H6'3" 1 
HETATM 494 H "H7'1" . BNR C 2 . ? 2.569   6.331  -8.769  1.00 0.00  ? 13 BNR B "H7'1" 1 
HETATM 495 H "H7'2" . BNR C 2 . ? 2.450   4.799  -9.641  1.00 0.00  ? 13 BNR B "H7'2" 1 
HETATM 496 H H1B    . BNR C 2 . ? -3.821  -2.241 3.753   1.00 0.00  ? 13 BNR B H1B    1 
HETATM 497 H "H2'"  . BNR C 2 . ? -4.344  -4.638 3.291   1.00 0.00  ? 13 BNR B "H2'"  1 
HETATM 498 H H3B    . BNR C 2 . ? -2.597  -6.107 2.399   1.00 0.00  ? 13 BNR B H3B    1 
HETATM 499 H "HO8'" . BNR C 2 . ? 1.895   -1.394 -0.708  1.00 0.00  ? 13 BNR B "HO8'" 1 
HETATM 500 H "H10'" . BNR C 2 . ? 3.901   0.638  0.800   1.00 0.00  ? 13 BNR B "H10'" 1 
HETATM 501 H "HL'1" . BNR C 2 . ? 3.776   2.949  1.851   1.00 0.00  ? 13 BNR B "HL'1" 1 
HETATM 502 H "HL'2" . BNR C 2 . ? 4.263   3.177  0.245   1.00 0.00  ? 13 BNR B "HL'2" 1 
HETATM 503 H "H12'" . BNR C 2 . ? 0.678   3.142  -0.693  1.00 0.00  ? 13 BNR B "H12'" 1 
HETATM 504 H "HK'1" . BNR C 2 . ? 0.979   5.834  -1.008  1.00 0.00  ? 13 BNR B "HK'1" 1 
HETATM 505 H "HK'2" . BNR C 2 . ? 2.619   5.561  -1.589  1.00 0.00  ? 13 BNR B "HK'2" 1 
HETATM 506 H "HK'3" . BNR C 2 . ? 2.264   7.002  -0.619  1.00 0.00  ? 13 BNR B "HK'3" 1 
HETATM 507 H "HJ'1" . BNR C 2 . ? 1.370   3.550  2.580   1.00 0.00  ? 13 BNR B "HJ'1" 1 
HETATM 508 H "HJ'2" . BNR C 2 . ? 0.110   3.690  1.365   1.00 0.00  ? 13 BNR B "HJ'2" 1 
HETATM 509 H "H17'" . BNR C 2 . ? -1.892  1.958  2.749   1.00 0.00  ? 13 BNR B "H17'" 1 
HETATM 510 H "HI'1" . BNR C 2 . ? -0.148  -5.877 0.044   1.00 0.00  ? 13 BNR B "HI'1" 1 
HETATM 511 H "HI'2" . BNR C 2 . ? -1.076  -6.990 1.092   1.00 0.00  ? 13 BNR B "HI'2" 1 
HETATM 512 H "HI'3" . BNR C 2 . ? 0.700   -7.023 1.094   1.00 0.00  ? 13 BNR B "HI'3" 1 
HETATM 513 H H1D    . BNR C 2 . ? 4.320   -0.344 -1.394  1.00 0.00  ? 13 BNR B H1D    1 
HETATM 514 H H2B    . BNR C 2 . ? 2.778   -0.210 -3.334  1.00 0.00  ? 13 BNR B H2B    1 
HETATM 515 H H2D    . BNR C 2 . ? 4.469   -0.204 -3.759  1.00 0.00  ? 13 BNR B H2D    1 
HETATM 516 H H3D    . BNR C 2 . ? 2.673   2.257  -3.449  1.00 0.00  ? 13 BNR B H3D    1 
HETATM 517 H HO3A   . BNR C 2 . ? 2.631   2.441  -5.481  1.00 0.00  ? 13 BNR B HO3A   1 
HETATM 518 H H4D    . BNR C 2 . ? 4.463   3.597  -4.085  1.00 0.00  ? 13 BNR B H4D    1 
HETATM 519 H HNB    . BNR C 2 . ? 5.672   1.457  -5.126  1.00 0.00  ? 13 BNR B HNB    1 
HETATM 520 H HND    . BNR C 2 . ? 6.651   1.804  -3.815  1.00 0.00  ? 13 BNR B HND    1 
HETATM 521 H H5D    . BNR C 2 . ? 4.043   3.264  -1.872  1.00 0.00  ? 13 BNR B H5D    1 
HETATM 522 H H6B    . BNR C 2 . ? 7.132   3.396  -2.365  1.00 0.00  ? 13 BNR B H6B    1 
HETATM 523 H H6D    . BNR C 2 . ? 6.353   3.990  -0.907  1.00 0.00  ? 13 BNR B H6D    1 
HETATM 524 H H6E    . BNR C 2 . ? 6.043   4.767  -2.462  1.00 0.00  ? 13 BNR B H6E    1 
HETATM 525 H H7B    . BNR C 2 . ? 7.304   2.912  -5.897  1.00 0.00  ? 13 BNR B H7B    1 
HETATM 526 H H7D    . BNR C 2 . ? 6.954   4.115  -4.660  1.00 0.00  ? 13 BNR B H7D    1 
HETATM 527 H H9A    . BNR C 2 . ? 3.882   3.055  -8.998  1.00 0.00  ? 13 BNR B H9A    1 
HETATM 528 H H9B    . BNR C 2 . ? 3.071   6.181  -6.261  1.00 0.00  ? 13 BNR B H9B    1 
HETATM 529 H "H9A'" . BNR C 2 . ? 5.399   2.103  -7.249  1.00 0.00  ? 13 BNR B "H9A'" 1 
HETATM 530 H "H9B'" . BNR C 2 . ? 5.202   5.694  -5.055  1.00 0.00  ? 13 BNR B "H9B'" 1 
# 
